data_8QST
#
_entry.id   8QST
#
loop_
_entity.id
_entity.type
_entity.pdbx_description
1 polymer 'PTS system glucose-specific EIICB component'
2 non-polymer beta-D-glucopyranose
#
_entity_poly.entity_id   1
_entity_poly.type   'polypeptide(L)'
_entity_poly.pdbx_seq_one_letter_code
;MFKNAFANLQKVGKSLMLPVSVLPIAGILLGVGSANFSWLPAVVSHVMAEAGGSVFANMPLIFAIGVALGFTNNDGVSAL
AAVVAYGIMVKTMAVVAPLVLHLPAEEIASKHLADTGVLGGIISGAIAAYMFNRFYRIKLPEYLGFFAGKRFVPIISGLA
AIFTGVVLSFIWPPIGSAIQTFSQWAAYQNPVVAFGIYGFIERCLVPFGLHHIWNVPFQMQIGEYTNAAGQVFHGDIPRY
MAGDPTAGKLSGGFLFKMYGLPAAAIAIWHSAKPENRAKVGGIMISAALTSFLTGITEPIEFSFMFVAPILYIIHAILAG
LAFPICILLGMRDGTSFSHGLIDFIVLSGNSSKLWLFPIVGIGYAIVYYTIFRVLIKALDLKTPGREDATEDAKATGTSE
MAPALVAAFGGKENITNLDACITRLRVSVADVSKVDQAGLKKLGAAGVVVAGSGVQAIFGTKSDNLKTEMDEYIRNHLEL
EVLFQGPVDHHHHHHHHHH
;
_entity_poly.pdbx_strand_id   A,B
#
# COMPACT_ATOMS: atom_id res chain seq x y z
N ASN A 4 -11.98 4.75 27.43
CA ASN A 4 -12.55 5.32 26.21
C ASN A 4 -11.46 5.93 25.34
N ALA A 5 -10.43 6.48 25.97
CA ALA A 5 -9.29 7.06 25.28
C ALA A 5 -7.97 6.42 25.67
N PHE A 6 -7.75 6.14 26.95
CA PHE A 6 -6.54 5.45 27.36
C PHE A 6 -6.50 4.03 26.80
N ALA A 7 -7.64 3.34 26.83
CA ALA A 7 -7.71 2.01 26.22
C ALA A 7 -7.43 2.09 24.72
N ASN A 8 -7.96 3.12 24.06
CA ASN A 8 -7.71 3.28 22.63
C ASN A 8 -6.22 3.51 22.35
N LEU A 9 -5.56 4.32 23.18
CA LEU A 9 -4.14 4.57 22.98
C LEU A 9 -3.33 3.30 23.24
N GLN A 10 -3.70 2.54 24.26
CA GLN A 10 -3.05 1.26 24.51
C GLN A 10 -3.22 0.32 23.32
N LYS A 11 -4.37 0.41 22.65
CA LYS A 11 -4.66 -0.47 21.53
C LYS A 11 -3.81 -0.07 20.41
N VAL A 12 -3.70 1.20 20.19
CA VAL A 12 -2.89 1.72 19.09
C VAL A 12 -1.43 1.31 19.28
N GLY A 13 -0.92 1.46 20.50
CA GLY A 13 0.45 1.04 20.77
C GLY A 13 0.65 -0.44 20.54
N LYS A 14 -0.30 -1.26 20.99
CA LYS A 14 -0.19 -2.70 20.81
C LYS A 14 -0.19 -3.07 19.34
N SER A 15 -1.05 -2.42 18.54
CA SER A 15 -1.14 -2.72 17.13
C SER A 15 0.03 -2.18 16.34
N LEU A 16 0.73 -1.18 16.86
CA LEU A 16 1.93 -0.68 16.19
C LEU A 16 3.11 -1.65 16.30
N MET A 17 2.91 -2.86 16.83
CA MET A 17 4.03 -3.77 17.07
C MET A 17 4.39 -4.55 15.80
N LEU A 18 3.38 -5.07 15.09
CA LEU A 18 3.67 -5.76 13.84
C LEU A 18 4.37 -4.85 12.83
N PRO A 19 3.96 -3.60 12.64
CA PRO A 19 4.74 -2.72 11.76
C PRO A 19 6.20 -2.59 12.15
N VAL A 20 6.51 -2.53 13.44
CA VAL A 20 7.89 -2.36 13.88
C VAL A 20 8.64 -3.68 13.99
N SER A 21 7.99 -4.80 13.68
CA SER A 21 8.69 -6.07 13.62
C SER A 21 9.58 -6.19 12.38
N VAL A 22 9.30 -5.42 11.34
CA VAL A 22 10.10 -5.45 10.12
C VAL A 22 11.21 -4.39 10.13
N LEU A 23 11.07 -3.35 10.95
CA LEU A 23 12.08 -2.30 10.97
C LEU A 23 13.47 -2.81 11.32
N PRO A 24 13.66 -3.74 12.26
CA PRO A 24 15.03 -4.16 12.60
C PRO A 24 15.79 -4.72 11.42
N ILE A 25 15.15 -5.56 10.59
CA ILE A 25 15.87 -6.17 9.48
C ILE A 25 16.18 -5.13 8.41
N ALA A 26 15.24 -4.22 8.15
CA ALA A 26 15.53 -3.13 7.21
C ALA A 26 16.69 -2.29 7.71
N GLY A 27 16.74 -2.02 9.01
CA GLY A 27 17.85 -1.27 9.57
C GLY A 27 19.17 -2.00 9.41
N ILE A 28 19.17 -3.32 9.67
CA ILE A 28 20.39 -4.10 9.50
C ILE A 28 20.85 -4.05 8.05
N LEU A 29 19.91 -4.24 7.12
CA LEU A 29 20.26 -4.24 5.70
C LEU A 29 20.81 -2.89 5.28
N LEU A 30 20.15 -1.80 5.69
CA LEU A 30 20.61 -0.47 5.33
C LEU A 30 21.99 -0.19 5.91
N GLY A 31 22.20 -0.56 7.18
CA GLY A 31 23.50 -0.32 7.80
C GLY A 31 24.61 -1.09 7.13
N VAL A 32 24.36 -2.36 6.81
CA VAL A 32 25.38 -3.17 6.16
C VAL A 32 25.68 -2.63 4.77
N GLY A 33 24.64 -2.30 4.01
CA GLY A 33 24.85 -1.82 2.65
C GLY A 33 25.54 -0.47 2.59
N SER A 34 25.11 0.46 3.45
CA SER A 34 25.65 1.82 3.39
C SER A 34 27.13 1.87 3.76
N ALA A 35 27.66 0.83 4.37
CA ALA A 35 29.06 0.84 4.78
C ALA A 35 30.01 0.84 3.59
N ASN A 36 29.53 0.43 2.41
CA ASN A 36 30.41 0.33 1.27
C ASN A 36 31.64 -0.45 1.67
N PHE A 37 31.45 -1.69 2.09
CA PHE A 37 32.56 -2.55 2.51
C PHE A 37 33.53 -2.77 1.35
N SER A 38 34.79 -3.07 1.68
CA SER A 38 35.81 -3.31 0.67
C SER A 38 35.80 -4.75 0.17
N TRP A 39 34.92 -5.60 0.70
CA TRP A 39 34.86 -6.99 0.31
C TRP A 39 33.56 -7.38 -0.37
N LEU A 40 32.44 -6.75 -0.03
CA LEU A 40 31.18 -7.07 -0.67
C LEU A 40 31.15 -6.50 -2.09
N PRO A 41 30.76 -7.27 -3.10
CA PRO A 41 30.59 -6.69 -4.43
C PRO A 41 29.55 -5.59 -4.40
N ALA A 42 29.82 -4.51 -5.15
CA ALA A 42 29.02 -3.29 -5.02
C ALA A 42 27.53 -3.56 -5.23
N VAL A 43 27.19 -4.42 -6.20
CA VAL A 43 25.78 -4.72 -6.45
C VAL A 43 25.12 -5.21 -5.16
N VAL A 44 25.84 -5.99 -4.38
CA VAL A 44 25.49 -6.18 -2.97
C VAL A 44 25.98 -4.95 -2.21
N SER A 45 25.19 -4.50 -1.24
CA SER A 45 25.32 -3.23 -0.57
C SER A 45 24.77 -2.10 -1.44
N HIS A 46 24.42 -2.36 -2.70
CA HIS A 46 23.47 -1.51 -3.41
C HIS A 46 22.06 -2.05 -3.25
N VAL A 47 21.87 -3.34 -3.54
CA VAL A 47 20.54 -3.93 -3.47
C VAL A 47 20.02 -3.89 -2.03
N MET A 48 20.87 -4.25 -1.07
CA MET A 48 20.45 -4.27 0.32
C MET A 48 20.10 -2.86 0.82
N ALA A 49 20.93 -1.87 0.45
CA ALA A 49 20.64 -0.50 0.84
C ALA A 49 19.31 -0.05 0.26
N GLU A 50 19.06 -0.37 -1.00
CA GLU A 50 17.80 0.03 -1.62
C GLU A 50 16.61 -0.67 -0.97
N ALA A 51 16.76 -1.94 -0.59
CA ALA A 51 15.68 -2.64 0.09
C ALA A 51 15.36 -1.99 1.43
N GLY A 52 16.40 -1.70 2.21
CA GLY A 52 16.17 -1.00 3.48
C GLY A 52 15.51 0.34 3.27
N GLY A 53 15.97 1.10 2.28
CA GLY A 53 15.35 2.37 1.98
C GLY A 53 13.89 2.23 1.59
N SER A 54 13.56 1.19 0.83
CA SER A 54 12.19 0.96 0.44
C SER A 54 11.32 0.69 1.67
N VAL A 55 11.81 -0.15 2.59
CA VAL A 55 11.03 -0.42 3.80
C VAL A 55 10.82 0.86 4.60
N PHE A 56 11.88 1.65 4.76
CA PHE A 56 11.77 2.86 5.57
C PHE A 56 10.93 3.93 4.88
N ALA A 57 10.86 3.90 3.55
CA ALA A 57 9.99 4.85 2.84
C ALA A 57 8.53 4.42 2.93
N ASN A 58 8.24 3.16 3.00
CA ASN A 58 6.88 2.68 3.04
C ASN A 58 6.43 2.62 4.46
N MET A 59 7.32 2.90 5.38
CA MET A 59 6.99 2.95 6.80
C MET A 59 5.60 3.51 7.08
N PRO A 60 5.23 4.67 6.51
CA PRO A 60 3.87 5.17 6.76
C PRO A 60 2.78 4.20 6.31
N LEU A 61 2.97 3.53 5.17
CA LEU A 61 1.96 2.60 4.70
C LEU A 61 1.90 1.35 5.57
N ILE A 62 3.06 0.84 5.99
CA ILE A 62 3.07 -0.28 6.92
C ILE A 62 2.36 0.10 8.21
N PHE A 63 2.59 1.32 8.69
CA PHE A 63 1.90 1.77 9.91
C PHE A 63 0.40 1.87 9.69
N ALA A 64 -0.02 2.35 8.53
CA ALA A 64 -1.44 2.42 8.23
C ALA A 64 -2.06 1.03 8.26
N ILE A 65 -1.41 0.06 7.62
CA ILE A 65 -1.94 -1.30 7.58
C ILE A 65 -1.99 -1.89 8.99
N GLY A 66 -0.94 -1.65 9.78
CA GLY A 66 -0.91 -2.17 11.14
C GLY A 66 -2.00 -1.59 12.01
N VAL A 67 -2.20 -0.27 11.94
CA VAL A 67 -3.27 0.35 12.68
C VAL A 67 -4.62 -0.18 12.23
N ALA A 68 -4.80 -0.34 10.93
CA ALA A 68 -6.06 -0.84 10.41
C ALA A 68 -6.36 -2.24 10.93
N LEU A 69 -5.36 -3.12 10.92
CA LEU A 69 -5.58 -4.48 11.39
C LEU A 69 -5.66 -4.56 12.90
N GLY A 70 -5.14 -3.57 13.62
CA GLY A 70 -5.23 -3.59 15.07
C GLY A 70 -6.65 -3.53 15.57
N PHE A 71 -7.48 -2.72 14.92
CA PHE A 71 -8.84 -2.47 15.36
C PHE A 71 -9.89 -3.22 14.54
N THR A 72 -9.45 -4.16 13.69
CA THR A 72 -10.37 -4.92 12.84
C THR A 72 -10.15 -6.42 12.95
N ASN A 73 -9.58 -6.89 14.04
CA ASN A 73 -9.34 -8.30 14.25
C ASN A 73 -8.55 -8.90 13.11
N ASN A 74 -7.47 -8.28 12.68
CA ASN A 74 -6.62 -8.76 11.58
C ASN A 74 -7.40 -9.18 10.36
N ASP A 75 -8.04 -8.24 9.71
CA ASP A 75 -8.83 -8.48 8.51
C ASP A 75 -8.16 -7.80 7.33
N GLY A 76 -7.93 -8.56 6.26
CA GLY A 76 -7.20 -8.03 5.12
C GLY A 76 -7.92 -6.89 4.41
N VAL A 77 -9.25 -6.95 4.37
CA VAL A 77 -10.00 -5.89 3.70
C VAL A 77 -9.72 -4.55 4.36
N SER A 78 -9.54 -4.56 5.68
CA SER A 78 -9.16 -3.34 6.39
C SER A 78 -7.82 -2.82 5.88
N ALA A 79 -6.86 -3.73 5.65
CA ALA A 79 -5.56 -3.32 5.14
C ALA A 79 -5.66 -2.73 3.74
N LEU A 80 -6.47 -3.34 2.88
CA LEU A 80 -6.62 -2.80 1.52
C LEU A 80 -7.28 -1.42 1.56
N ALA A 81 -8.31 -1.27 2.38
CA ALA A 81 -8.94 0.05 2.54
C ALA A 81 -7.94 1.05 3.09
N ALA A 82 -7.08 0.62 4.00
CA ALA A 82 -6.05 1.51 4.55
C ALA A 82 -5.09 1.97 3.47
N VAL A 83 -4.68 1.05 2.59
CA VAL A 83 -3.77 1.42 1.51
C VAL A 83 -4.43 2.45 0.60
N VAL A 84 -5.68 2.20 0.22
CA VAL A 84 -6.38 3.13 -0.66
C VAL A 84 -6.50 4.50 0.02
N ALA A 85 -6.90 4.49 1.29
CA ALA A 85 -7.08 5.74 2.03
C ALA A 85 -5.76 6.50 2.15
N TYR A 86 -4.67 5.81 2.44
CA TYR A 86 -3.38 6.49 2.59
C TYR A 86 -2.97 7.14 1.27
N GLY A 87 -3.08 6.40 0.17
CA GLY A 87 -2.73 7.00 -1.11
C GLY A 87 -3.56 8.23 -1.41
N ILE A 88 -4.88 8.11 -1.23
CA ILE A 88 -5.77 9.23 -1.51
C ILE A 88 -5.41 10.43 -0.64
N MET A 89 -5.19 10.18 0.66
CA MET A 89 -4.91 11.25 1.59
C MET A 89 -3.62 11.97 1.24
N VAL A 90 -2.56 11.22 0.95
CA VAL A 90 -1.28 11.84 0.65
C VAL A 90 -1.40 12.69 -0.61
N LYS A 91 -2.00 12.13 -1.66
CA LYS A 91 -2.07 12.89 -2.91
C LYS A 91 -2.94 14.14 -2.77
N THR A 92 -4.09 14.01 -2.10
CA THR A 92 -4.97 15.16 -1.95
C THR A 92 -4.33 16.24 -1.07
N MET A 93 -3.61 15.83 -0.02
CA MET A 93 -2.90 16.80 0.79
C MET A 93 -1.87 17.55 -0.04
N ALA A 94 -1.07 16.80 -0.81
CA ALA A 94 -0.07 17.46 -1.65
C ALA A 94 -0.72 18.43 -2.63
N VAL A 95 -1.89 18.06 -3.17
CA VAL A 95 -2.54 18.89 -4.18
C VAL A 95 -3.09 20.16 -3.56
N VAL A 96 -3.77 20.03 -2.40
CA VAL A 96 -4.49 21.17 -1.85
C VAL A 96 -3.64 22.06 -0.95
N ALA A 97 -2.53 21.56 -0.41
CA ALA A 97 -1.72 22.39 0.48
C ALA A 97 -1.17 23.64 -0.18
N PRO A 98 -0.59 23.58 -1.39
CA PRO A 98 -0.04 24.81 -1.98
C PRO A 98 -1.09 25.86 -2.26
N LEU A 99 -2.35 25.46 -2.47
CA LEU A 99 -3.41 26.43 -2.67
C LEU A 99 -3.79 27.12 -1.38
N VAL A 100 -3.91 26.35 -0.29
CA VAL A 100 -4.22 26.96 1.00
C VAL A 100 -3.09 27.89 1.44
N LEU A 101 -1.85 27.45 1.27
CA LEU A 101 -0.69 28.23 1.70
C LEU A 101 -0.22 29.21 0.65
N HIS A 102 -0.77 29.16 -0.56
CA HIS A 102 -0.45 30.09 -1.64
C HIS A 102 1.01 30.07 -2.06
N LEU A 103 1.78 29.10 -1.57
CA LEU A 103 3.14 28.93 -2.04
C LEU A 103 3.14 28.15 -3.37
N PRO A 104 4.20 28.27 -4.16
CA PRO A 104 4.13 27.79 -5.54
C PRO A 104 4.38 26.30 -5.71
N ALA A 105 3.77 25.47 -4.87
CA ALA A 105 3.71 24.03 -5.08
C ALA A 105 5.08 23.35 -5.06
N GLU A 106 6.14 24.11 -4.83
CA GLU A 106 7.49 23.56 -4.77
C GLU A 106 8.14 23.76 -3.41
N GLU A 107 7.97 24.93 -2.80
CA GLU A 107 8.46 25.14 -1.44
C GLU A 107 7.77 24.20 -0.45
N ILE A 108 6.56 23.72 -0.76
CA ILE A 108 5.88 22.80 0.14
C ILE A 108 6.70 21.51 0.28
N ALA A 109 7.14 20.96 -0.85
CA ALA A 109 7.95 19.75 -0.83
C ALA A 109 9.37 20.03 -0.38
N SER A 110 9.93 21.17 -0.79
CA SER A 110 11.31 21.49 -0.41
C SER A 110 11.44 21.67 1.09
N LYS A 111 10.44 22.29 1.73
CA LYS A 111 10.45 22.59 3.15
C LYS A 111 9.57 21.65 3.95
N HIS A 112 8.83 20.76 3.29
CA HIS A 112 8.07 19.70 3.94
C HIS A 112 7.05 20.25 4.94
N LEU A 113 6.08 21.00 4.41
CA LEU A 113 4.94 21.45 5.20
C LEU A 113 3.70 20.59 5.01
N ALA A 114 3.73 19.62 4.09
CA ALA A 114 2.59 18.75 3.83
C ALA A 114 2.92 17.28 4.04
N ASP A 115 4.09 16.96 4.59
CA ASP A 115 4.51 15.58 4.81
C ASP A 115 4.21 15.25 6.27
N THR A 116 3.02 14.71 6.52
CA THR A 116 2.61 14.34 7.86
C THR A 116 3.36 13.13 8.39
N GLY A 117 4.13 12.44 7.56
CA GLY A 117 4.94 11.33 8.02
C GLY A 117 4.10 10.15 8.45
N VAL A 118 4.59 9.43 9.46
CA VAL A 118 3.93 8.21 9.92
C VAL A 118 2.55 8.53 10.47
N LEU A 119 2.38 9.71 11.08
CA LEU A 119 1.08 10.10 11.60
C LEU A 119 0.01 10.04 10.51
N GLY A 120 0.38 10.30 9.26
CA GLY A 120 -0.56 10.11 8.16
C GLY A 120 -0.96 8.66 8.02
N GLY A 121 0.00 7.75 8.16
CA GLY A 121 -0.34 6.34 8.15
C GLY A 121 -1.29 5.99 9.27
N ILE A 122 -1.06 6.53 10.47
CA ILE A 122 -1.96 6.24 11.59
C ILE A 122 -3.36 6.77 11.29
N ILE A 123 -3.45 7.99 10.75
CA ILE A 123 -4.75 8.58 10.46
C ILE A 123 -5.49 7.74 9.43
N SER A 124 -4.80 7.35 8.36
CA SER A 124 -5.44 6.56 7.31
C SER A 124 -5.87 5.19 7.83
N GLY A 125 -5.01 4.55 8.63
CA GLY A 125 -5.39 3.25 9.18
C GLY A 125 -6.56 3.34 10.13
N ALA A 126 -6.61 4.42 10.93
CA ALA A 126 -7.76 4.61 11.80
C ALA A 126 -9.03 4.82 10.99
N ILE A 127 -8.94 5.61 9.92
CA ILE A 127 -10.08 5.78 9.03
C ILE A 127 -10.56 4.42 8.52
N ALA A 128 -9.62 3.61 8.03
CA ALA A 128 -9.98 2.31 7.47
C ALA A 128 -10.62 1.42 8.54
N ALA A 129 -10.04 1.38 9.73
CA ALA A 129 -10.56 0.51 10.78
C ALA A 129 -11.96 0.95 11.20
N TYR A 130 -12.18 2.26 11.36
CA TYR A 130 -13.50 2.74 11.76
C TYR A 130 -14.53 2.45 10.67
N MET A 131 -14.18 2.71 9.42
CA MET A 131 -15.11 2.47 8.32
C MET A 131 -15.44 0.99 8.19
N PHE A 132 -14.44 0.13 8.41
CA PHE A 132 -14.70 -1.30 8.40
C PHE A 132 -15.63 -1.71 9.53
N ASN A 133 -15.39 -1.16 10.68
CA ASN A 133 -16.15 -1.51 11.83
C ASN A 133 -17.57 -1.04 11.75
N ARG A 134 -17.79 -0.04 10.95
CA ARG A 134 -19.13 0.53 10.79
C ARG A 134 -19.88 0.00 9.57
N PHE A 135 -19.18 -0.47 8.53
CA PHE A 135 -19.82 -0.76 7.25
C PHE A 135 -19.44 -2.11 6.65
N TYR A 136 -18.81 -3.01 7.41
CA TYR A 136 -18.47 -4.31 6.85
C TYR A 136 -19.64 -5.28 6.85
N ARG A 137 -20.76 -4.87 7.36
CA ARG A 137 -21.91 -5.75 7.36
C ARG A 137 -23.07 -5.00 6.79
N ILE A 138 -22.78 -3.99 6.02
CA ILE A 138 -23.81 -3.13 5.43
C ILE A 138 -24.68 -3.95 4.47
N LYS A 139 -25.99 -3.82 4.62
CA LYS A 139 -26.96 -4.55 3.80
C LYS A 139 -27.58 -3.56 2.82
N LEU A 140 -27.24 -3.72 1.54
CA LEU A 140 -27.75 -2.89 0.47
C LEU A 140 -28.81 -3.64 -0.32
N PRO A 141 -29.59 -2.95 -1.14
CA PRO A 141 -30.59 -3.64 -1.96
C PRO A 141 -29.93 -4.68 -2.87
N GLU A 142 -30.75 -5.66 -3.26
CA GLU A 142 -30.21 -6.82 -3.98
C GLU A 142 -29.50 -6.41 -5.27
N TYR A 143 -30.09 -5.51 -6.04
CA TYR A 143 -29.46 -5.08 -7.28
C TYR A 143 -28.15 -4.33 -7.04
N LEU A 144 -27.92 -3.83 -5.83
CA LEU A 144 -26.65 -3.25 -5.45
C LEU A 144 -25.83 -4.19 -4.56
N GLY A 145 -26.20 -5.46 -4.52
CA GLY A 145 -25.60 -6.38 -3.56
C GLY A 145 -24.11 -6.54 -3.72
N PHE A 146 -23.59 -6.39 -4.93
CA PHE A 146 -22.17 -6.63 -5.15
C PHE A 146 -21.32 -5.66 -4.32
N PHE A 147 -21.70 -4.39 -4.30
CA PHE A 147 -20.99 -3.39 -3.50
C PHE A 147 -21.52 -3.35 -2.07
N ALA A 148 -21.58 -4.51 -1.43
CA ALA A 148 -22.13 -4.63 -0.08
C ALA A 148 -21.16 -5.43 0.77
N GLY A 149 -21.34 -5.32 2.09
CA GLY A 149 -20.46 -6.02 3.00
C GLY A 149 -19.04 -5.49 2.91
N LYS A 150 -18.06 -6.35 2.94
CA LYS A 150 -16.70 -5.86 2.96
C LYS A 150 -16.30 -5.21 1.67
N ARG A 151 -17.02 -5.45 0.61
CA ARG A 151 -16.67 -4.76 -0.63
C ARG A 151 -16.99 -3.28 -0.56
N PHE A 152 -17.90 -2.86 0.32
CA PHE A 152 -18.24 -1.45 0.46
C PHE A 152 -17.19 -0.67 1.23
N VAL A 153 -16.42 -1.34 2.08
CA VAL A 153 -15.50 -0.63 2.98
C VAL A 153 -14.46 0.18 2.21
N PRO A 154 -13.78 -0.37 1.19
CA PRO A 154 -12.73 0.41 0.52
C PRO A 154 -13.24 1.65 -0.20
N ILE A 155 -14.54 1.74 -0.49
CA ILE A 155 -15.06 2.92 -1.16
C ILE A 155 -15.26 4.07 -0.18
N ILE A 156 -16.03 3.80 0.89
CA ILE A 156 -16.23 4.79 1.93
C ILE A 156 -14.89 5.18 2.55
N SER A 157 -13.98 4.22 2.69
CA SER A 157 -12.60 4.50 3.07
C SER A 157 -11.86 4.97 1.83
N GLY A 158 -11.81 6.28 1.65
CA GLY A 158 -11.25 6.90 0.47
C GLY A 158 -12.15 8.05 0.08
N LEU A 159 -13.47 7.83 0.18
CA LEU A 159 -14.38 8.96 0.18
C LEU A 159 -14.22 9.78 1.45
N ALA A 160 -13.89 9.10 2.56
CA ALA A 160 -13.49 9.81 3.77
C ALA A 160 -12.06 10.30 3.69
N ALA A 161 -11.19 9.58 2.98
CA ALA A 161 -9.79 9.98 2.89
C ALA A 161 -9.65 11.32 2.17
N ILE A 162 -10.41 11.52 1.10
CA ILE A 162 -10.33 12.77 0.36
C ILE A 162 -10.69 13.95 1.27
N PHE A 163 -11.78 13.81 2.03
CA PHE A 163 -12.20 14.88 2.92
C PHE A 163 -11.22 15.10 4.06
N THR A 164 -10.67 14.01 4.62
CA THR A 164 -9.70 14.15 5.70
C THR A 164 -8.43 14.83 5.21
N GLY A 165 -7.99 14.52 3.99
CA GLY A 165 -6.84 15.20 3.44
C GLY A 165 -7.11 16.66 3.19
N VAL A 166 -8.31 16.98 2.72
CA VAL A 166 -8.68 18.39 2.56
C VAL A 166 -8.63 19.10 3.91
N VAL A 167 -9.14 18.44 4.96
CA VAL A 167 -9.13 19.05 6.29
C VAL A 167 -7.71 19.28 6.77
N LEU A 168 -6.84 18.27 6.60
CA LEU A 168 -5.49 18.36 7.12
C LEU A 168 -4.64 19.35 6.32
N SER A 169 -4.98 19.58 5.05
CA SER A 169 -4.25 20.57 4.26
C SER A 169 -4.35 21.96 4.87
N PHE A 170 -5.25 22.22 5.83
CA PHE A 170 -5.35 23.52 6.55
C PHE A 170 -4.93 23.39 7.97
N ILE A 171 -5.23 22.27 8.61
CA ILE A 171 -4.72 22.06 9.97
C ILE A 171 -3.53 21.11 9.86
N TRP A 172 -2.37 21.69 9.57
CA TRP A 172 -1.10 20.95 9.64
C TRP A 172 0.08 21.85 9.25
N PRO A 173 -0.02 22.64 8.19
CA PRO A 173 1.10 23.52 7.84
C PRO A 173 1.50 24.40 9.01
N PRO A 174 0.54 24.90 9.81
CA PRO A 174 0.94 25.55 11.06
C PRO A 174 1.75 24.64 11.97
N ILE A 175 1.42 23.36 12.03
CA ILE A 175 2.20 22.43 12.85
C ILE A 175 3.54 22.15 12.20
N GLY A 176 3.52 21.87 10.89
CA GLY A 176 4.78 21.63 10.19
C GLY A 176 5.68 22.85 10.16
N SER A 177 5.09 24.02 9.95
CA SER A 177 5.89 25.25 9.96
C SER A 177 6.56 25.45 11.31
N ALA A 178 5.85 25.15 12.40
CA ALA A 178 6.44 25.29 13.73
C ALA A 178 7.54 24.26 13.95
N ILE A 179 7.26 22.98 13.63
CA ILE A 179 8.26 21.94 13.77
C ILE A 179 9.45 22.15 12.84
N GLN A 180 9.33 23.04 11.86
CA GLN A 180 10.46 23.39 11.02
C GLN A 180 11.23 24.56 11.60
N THR A 181 10.58 25.60 12.03
CA THR A 181 11.35 26.72 12.53
C THR A 181 12.20 26.25 13.70
N PHE A 182 11.60 25.91 14.84
CA PHE A 182 12.34 25.34 15.92
C PHE A 182 12.71 24.05 15.31
N SER A 183 13.98 23.72 15.19
CA SER A 183 14.49 22.54 14.43
C SER A 183 15.25 23.19 13.27
N GLN A 184 15.29 24.51 13.26
CA GLN A 184 16.07 25.25 12.38
C GLN A 184 16.67 26.28 13.32
N TRP A 185 15.95 26.82 14.30
CA TRP A 185 16.50 27.72 15.28
C TRP A 185 17.44 26.95 16.10
N ALA A 186 17.20 25.64 16.22
CA ALA A 186 18.05 24.86 17.11
C ALA A 186 19.47 24.74 16.65
N ALA A 187 19.77 25.00 15.40
CA ALA A 187 21.09 24.83 14.85
C ALA A 187 21.94 26.00 15.19
N TYR A 188 21.48 27.18 14.83
CA TYR A 188 22.21 28.37 15.17
C TYR A 188 22.38 28.52 16.66
N GLN A 189 21.50 27.91 17.45
CA GLN A 189 21.70 27.90 18.90
C GLN A 189 23.09 27.33 19.22
N ASN A 190 23.62 27.62 20.39
CA ASN A 190 24.97 27.17 20.73
C ASN A 190 25.09 25.67 20.47
N PRO A 191 26.33 25.13 20.41
CA PRO A 191 26.44 23.71 20.03
C PRO A 191 25.76 22.70 20.95
N VAL A 192 26.07 22.72 22.21
CA VAL A 192 25.55 21.75 23.17
C VAL A 192 24.05 21.91 23.33
N VAL A 193 23.58 23.16 23.38
CA VAL A 193 22.15 23.42 23.46
C VAL A 193 21.45 22.85 22.23
N ALA A 194 22.04 23.05 21.06
CA ALA A 194 21.45 22.55 19.82
C ALA A 194 21.12 21.07 19.92
N PHE A 195 22.08 20.27 20.35
CA PHE A 195 21.91 18.83 20.29
C PHE A 195 21.23 18.26 21.51
N GLY A 196 21.29 18.93 22.66
CA GLY A 196 20.37 18.58 23.73
C GLY A 196 18.92 18.76 23.32
N ILE A 197 18.63 19.89 22.66
CA ILE A 197 17.30 20.11 22.08
C ILE A 197 16.98 18.99 21.10
N TYR A 198 17.92 18.67 20.23
CA TYR A 198 17.69 17.61 19.25
C TYR A 198 17.26 16.32 19.95
N GLY A 199 18.05 15.87 20.93
CA GLY A 199 17.76 14.60 21.56
C GLY A 199 16.42 14.60 22.26
N PHE A 200 16.16 15.62 23.07
CA PHE A 200 14.91 15.64 23.83
C PHE A 200 13.71 15.68 22.89
N ILE A 201 13.75 16.56 21.88
CA ILE A 201 12.60 16.69 21.01
C ILE A 201 12.43 15.45 20.15
N GLU A 202 13.52 14.79 19.74
CA GLU A 202 13.38 13.55 19.01
C GLU A 202 12.68 12.49 19.85
N ARG A 203 13.06 12.39 21.12
CA ARG A 203 12.38 11.45 22.00
C ARG A 203 10.90 11.80 22.14
N CYS A 204 10.59 13.09 22.24
CA CYS A 204 9.19 13.50 22.31
C CYS A 204 8.44 13.13 21.04
N LEU A 205 9.08 13.30 19.88
CA LEU A 205 8.40 13.18 18.60
C LEU A 205 8.19 11.74 18.17
N VAL A 206 9.14 10.85 18.48
CA VAL A 206 9.07 9.48 17.96
C VAL A 206 7.69 8.89 18.22
N PRO A 207 7.09 9.04 19.43
CA PRO A 207 5.75 8.48 19.66
C PRO A 207 4.76 8.71 18.51
N PHE A 208 4.54 9.97 18.13
CA PHE A 208 3.62 10.27 17.03
C PHE A 208 4.37 10.50 15.72
N GLY A 209 5.28 9.58 15.43
CA GLY A 209 5.83 9.38 14.10
C GLY A 209 6.13 10.58 13.24
N LEU A 210 6.87 11.56 13.76
CA LEU A 210 7.44 12.60 12.90
C LEU A 210 8.84 13.01 13.35
N HIS A 211 9.43 12.28 14.29
CA HIS A 211 10.84 12.47 14.58
C HIS A 211 11.70 12.20 13.36
N HIS A 212 11.15 11.51 12.37
CA HIS A 212 11.86 11.29 11.10
C HIS A 212 11.91 12.59 10.35
N ILE A 213 10.84 13.36 10.41
CA ILE A 213 10.88 14.70 9.85
C ILE A 213 11.84 15.57 10.65
N TRP A 214 11.88 15.39 11.98
CA TRP A 214 12.77 16.20 12.80
C TRP A 214 14.23 15.93 12.46
N ASN A 215 14.60 14.70 12.31
CA ASN A 215 15.96 14.40 12.09
C ASN A 215 16.56 15.02 10.84
N VAL A 216 15.84 15.12 9.71
CA VAL A 216 16.44 15.53 8.43
C VAL A 216 17.28 16.80 8.57
N PRO A 217 16.80 17.88 9.18
CA PRO A 217 17.64 19.09 9.24
C PRO A 217 18.99 18.87 9.89
N PHE A 218 19.05 18.05 10.94
CA PHE A 218 20.30 17.88 11.69
C PHE A 218 21.16 16.75 11.16
N GLN A 219 20.55 15.72 10.57
CA GLN A 219 21.35 14.69 9.91
C GLN A 219 21.97 15.21 8.62
N MET A 220 21.16 15.87 7.78
CA MET A 220 21.55 16.13 6.40
C MET A 220 21.87 17.58 6.08
N GLN A 221 21.40 18.51 6.87
CA GLN A 221 21.50 19.91 6.47
C GLN A 221 22.22 20.89 7.33
N ILE A 222 22.43 20.58 8.57
CA ILE A 222 22.99 21.58 9.48
C ILE A 222 24.38 22.02 9.03
N GLY A 223 25.23 21.05 8.67
CA GLY A 223 26.64 21.32 8.42
C GLY A 223 26.98 21.48 6.95
N GLU A 224 28.27 21.63 6.70
CA GLU A 224 28.83 21.71 5.36
C GLU A 224 30.34 21.57 5.45
N TYR A 225 30.93 20.88 4.48
CA TYR A 225 32.37 20.66 4.49
C TYR A 225 32.82 20.16 3.12
N THR A 226 33.92 20.72 2.63
CA THR A 226 34.53 20.28 1.37
C THR A 226 36.02 20.58 1.47
N ASN A 227 36.81 19.50 1.55
CA ASN A 227 38.25 19.65 1.69
C ASN A 227 38.99 19.40 0.40
N ALA A 228 39.54 20.46 -0.19
CA ALA A 228 40.34 20.34 -1.39
C ALA A 228 39.59 19.61 -2.50
N ALA A 229 40.12 18.46 -2.94
CA ALA A 229 39.53 17.75 -4.07
C ALA A 229 38.29 16.97 -3.69
N GLY A 230 37.98 16.83 -2.40
CA GLY A 230 36.82 16.06 -1.99
C GLY A 230 35.53 16.74 -2.36
N GLN A 231 34.46 15.93 -2.39
CA GLN A 231 33.14 16.44 -2.70
C GLN A 231 32.49 17.03 -1.44
N VAL A 232 31.36 17.72 -1.64
CA VAL A 232 30.72 18.45 -0.55
C VAL A 232 29.80 17.52 0.22
N PHE A 233 29.57 17.86 1.49
CA PHE A 233 28.66 17.12 2.36
C PHE A 233 28.05 18.11 3.34
N HIS A 234 26.71 18.18 3.37
CA HIS A 234 26.01 19.29 4.02
C HIS A 234 25.24 18.87 5.26
N GLY A 235 25.60 17.72 5.84
CA GLY A 235 24.94 17.30 7.06
C GLY A 235 25.82 16.62 8.08
N ASP A 236 25.29 16.32 9.27
CA ASP A 236 26.05 15.64 10.32
C ASP A 236 26.14 14.14 10.15
N ILE A 237 25.05 13.48 9.84
CA ILE A 237 25.14 12.05 9.58
C ILE A 237 26.06 11.85 8.38
N PRO A 238 25.78 12.51 7.25
CA PRO A 238 26.74 12.28 6.18
C PRO A 238 28.12 12.83 6.47
N ARG A 239 28.28 14.01 7.04
CA ARG A 239 29.63 14.53 7.22
C ARG A 239 30.49 13.57 8.06
N TYR A 240 29.89 12.70 8.83
CA TYR A 240 30.67 11.82 9.68
C TYR A 240 31.14 10.64 8.91
N MET A 241 30.22 10.03 8.18
CA MET A 241 30.56 8.92 7.37
C MET A 241 31.45 9.45 6.28
N ALA A 242 31.51 10.76 6.15
CA ALA A 242 32.39 11.37 5.19
C ALA A 242 33.63 11.74 5.91
N GLY A 243 33.97 10.99 6.95
CA GLY A 243 35.12 11.29 7.76
C GLY A 243 35.44 12.75 8.01
N ASP A 244 34.48 13.54 8.48
CA ASP A 244 34.77 14.92 8.84
C ASP A 244 35.30 15.00 10.26
N PRO A 245 35.83 16.16 10.66
CA PRO A 245 36.44 16.28 11.99
C PRO A 245 35.52 16.76 13.05
N THR A 246 34.26 17.04 12.74
CA THR A 246 33.37 17.61 13.73
C THR A 246 31.99 17.08 13.65
N ALA A 247 31.74 16.04 12.87
CA ALA A 247 30.41 15.46 12.92
C ALA A 247 30.50 14.58 14.11
N GLY A 248 29.67 13.56 14.17
CA GLY A 248 29.65 12.75 15.37
C GLY A 248 29.05 13.61 16.45
N LYS A 249 28.16 14.53 16.08
CA LYS A 249 27.47 15.33 17.07
C LYS A 249 26.27 14.55 17.40
N LEU A 250 25.95 13.54 16.62
CA LEU A 250 24.86 12.64 17.01
C LEU A 250 25.38 11.36 17.63
N SER A 251 26.53 11.41 18.29
CA SER A 251 27.11 10.25 18.94
C SER A 251 26.45 9.92 20.26
N GLY A 252 25.51 10.74 20.73
CA GLY A 252 24.80 10.44 21.96
C GLY A 252 23.75 9.36 21.82
N GLY A 253 23.41 8.97 20.59
CA GLY A 253 22.39 7.96 20.40
C GLY A 253 22.80 6.61 20.96
N PHE A 254 24.09 6.28 20.86
CA PHE A 254 24.57 4.99 21.35
C PHE A 254 24.30 4.83 22.84
N LEU A 255 24.35 5.93 23.60
CA LEU A 255 24.30 5.82 25.05
C LEU A 255 22.99 5.22 25.53
N PHE A 256 21.87 5.62 24.91
CA PHE A 256 20.57 5.11 25.33
C PHE A 256 19.96 4.11 24.36
N LYS A 257 20.52 3.95 23.16
CA LYS A 257 20.00 2.94 22.24
C LYS A 257 20.78 1.63 22.29
N MET A 258 22.03 1.64 22.77
CA MET A 258 22.77 0.41 23.01
C MET A 258 22.92 0.05 24.48
N TYR A 259 22.78 1.00 25.38
CA TYR A 259 23.04 0.74 26.79
C TYR A 259 21.89 1.13 27.70
N GLY A 260 21.19 2.23 27.40
CA GLY A 260 20.13 2.70 28.26
C GLY A 260 18.83 1.96 28.07
N LEU A 261 18.24 1.98 26.89
CA LEU A 261 16.98 1.29 26.76
C LEU A 261 17.10 -0.22 27.02
N PRO A 262 18.17 -0.91 26.55
CA PRO A 262 18.28 -2.29 27.05
C PRO A 262 18.16 -2.39 28.57
N ALA A 263 18.78 -1.46 29.30
CA ALA A 263 18.68 -1.48 30.76
C ALA A 263 17.24 -1.28 31.19
N ALA A 264 16.52 -0.36 30.52
CA ALA A 264 15.11 -0.16 30.82
C ALA A 264 14.31 -1.43 30.57
N ALA A 265 14.60 -2.12 29.46
CA ALA A 265 13.88 -3.35 29.15
C ALA A 265 14.11 -4.41 30.22
N ILE A 266 15.37 -4.58 30.65
CA ILE A 266 15.65 -5.57 31.68
C ILE A 266 15.01 -5.17 33.00
N ALA A 267 14.98 -3.87 33.30
CA ALA A 267 14.33 -3.42 34.53
C ALA A 267 12.84 -3.73 34.50
N ILE A 268 12.19 -3.47 33.37
CA ILE A 268 10.79 -3.86 33.22
C ILE A 268 10.63 -5.35 33.42
N TRP A 269 11.57 -6.12 32.86
CA TRP A 269 11.50 -7.58 32.98
C TRP A 269 11.53 -8.01 34.45
N HIS A 270 12.43 -7.45 35.23
CA HIS A 270 12.66 -7.89 36.60
C HIS A 270 11.65 -7.32 37.58
N SER A 271 10.52 -6.80 37.13
CA SER A 271 9.49 -6.26 38.00
C SER A 271 8.12 -6.76 37.57
N ALA A 272 8.01 -8.07 37.34
CA ALA A 272 6.77 -8.69 36.90
C ALA A 272 6.09 -9.40 38.07
N LYS A 273 4.97 -10.05 37.78
CA LYS A 273 4.27 -10.86 38.75
C LYS A 273 5.07 -12.13 39.01
N PRO A 274 4.77 -12.86 40.09
CA PRO A 274 5.53 -14.07 40.41
C PRO A 274 5.47 -15.13 39.30
N GLU A 275 4.58 -15.00 38.33
CA GLU A 275 4.40 -16.02 37.30
C GLU A 275 4.50 -15.42 35.90
N ASN A 276 4.18 -14.13 35.78
CA ASN A 276 4.28 -13.43 34.51
C ASN A 276 5.71 -13.17 34.11
N ARG A 277 6.66 -13.39 34.99
CA ARG A 277 8.04 -13.24 34.63
C ARG A 277 8.40 -14.06 33.39
N ALA A 278 8.03 -15.34 33.34
CA ALA A 278 8.45 -16.16 32.22
C ALA A 278 7.98 -15.58 30.90
N LYS A 279 6.72 -15.14 30.84
CA LYS A 279 6.18 -14.62 29.58
C LYS A 279 6.80 -13.28 29.23
N VAL A 280 7.06 -12.43 30.24
CA VAL A 280 7.61 -11.12 29.95
C VAL A 280 9.07 -11.21 29.51
N GLY A 281 9.80 -12.19 30.06
CA GLY A 281 11.24 -12.24 29.83
C GLY A 281 11.60 -12.37 28.36
N GLY A 282 10.91 -13.24 27.63
CA GLY A 282 11.27 -13.46 26.24
C GLY A 282 11.12 -12.20 25.41
N ILE A 283 9.98 -11.52 25.54
CA ILE A 283 9.75 -10.31 24.76
C ILE A 283 10.72 -9.22 25.17
N MET A 284 10.95 -9.05 26.48
CA MET A 284 11.88 -8.00 26.91
C MET A 284 13.29 -8.27 26.38
N ILE A 285 13.75 -9.52 26.44
CA ILE A 285 15.08 -9.86 25.97
C ILE A 285 15.18 -9.62 24.47
N SER A 286 14.14 -10.03 23.72
CA SER A 286 14.17 -9.80 22.27
C SER A 286 14.21 -8.31 21.94
N ALA A 287 13.40 -7.50 22.63
CA ALA A 287 13.39 -6.07 22.38
C ALA A 287 14.74 -5.44 22.72
N ALA A 288 15.33 -5.85 23.85
CA ALA A 288 16.64 -5.31 24.22
C ALA A 288 17.69 -5.70 23.20
N LEU A 289 17.66 -6.95 22.72
CA LEU A 289 18.63 -7.37 21.71
C LEU A 289 18.47 -6.57 20.43
N THR A 290 17.23 -6.35 19.99
CA THR A 290 17.01 -5.56 18.78
C THR A 290 17.54 -4.14 18.97
N SER A 291 17.22 -3.51 20.10
CA SER A 291 17.69 -2.14 20.32
C SER A 291 19.21 -2.08 20.37
N PHE A 292 19.83 -3.04 21.06
CA PHE A 292 21.28 -3.06 21.15
C PHE A 292 21.92 -3.23 19.78
N LEU A 293 21.37 -4.13 18.96
CA LEU A 293 22.01 -4.47 17.69
C LEU A 293 21.70 -3.45 16.61
N THR A 294 20.42 -3.29 16.26
CA THR A 294 20.03 -2.49 15.10
C THR A 294 19.66 -1.06 15.44
N GLY A 295 19.79 -0.65 16.70
CA GLY A 295 19.47 0.71 17.06
C GLY A 295 18.04 1.11 16.79
N ILE A 296 17.05 0.28 17.13
CA ILE A 296 15.63 0.57 16.93
C ILE A 296 15.06 0.49 18.29
N THR A 297 14.52 1.60 18.78
CA THR A 297 14.03 1.66 20.14
C THR A 297 12.55 1.64 20.31
N GLU A 298 11.81 1.66 19.22
CA GLU A 298 10.34 1.73 19.29
C GLU A 298 9.67 0.54 19.98
N PRO A 299 10.21 -0.69 19.84
CA PRO A 299 9.68 -1.88 20.51
C PRO A 299 9.81 -1.80 22.01
N ILE A 300 10.85 -1.14 22.48
CA ILE A 300 11.08 -1.01 23.90
C ILE A 300 10.24 0.11 24.34
N GLU A 301 10.26 1.26 23.67
CA GLU A 301 9.50 2.42 24.15
C GLU A 301 8.01 2.15 24.09
N PHE A 302 7.50 1.63 22.98
CA PHE A 302 6.05 1.44 22.92
C PHE A 302 5.56 0.46 23.98
N SER A 303 6.45 -0.32 24.57
CA SER A 303 6.02 -1.33 25.55
C SER A 303 5.63 -0.69 26.87
N PHE A 304 6.20 0.46 27.21
CA PHE A 304 5.91 1.14 28.46
C PHE A 304 5.45 2.57 28.28
N MET A 305 5.42 3.07 27.04
CA MET A 305 5.17 4.49 26.81
C MET A 305 3.80 4.90 27.33
N PHE A 306 2.75 4.19 26.91
CA PHE A 306 1.40 4.63 27.20
C PHE A 306 1.01 4.32 28.65
N VAL A 307 1.43 3.16 29.17
CA VAL A 307 1.12 2.81 30.55
C VAL A 307 1.89 3.70 31.53
N ALA A 308 3.16 3.99 31.22
CA ALA A 308 4.05 4.69 32.12
C ALA A 308 4.62 5.91 31.41
N PRO A 309 3.81 6.96 31.25
CA PRO A 309 4.32 8.16 30.56
C PRO A 309 5.47 8.85 31.28
N ILE A 310 5.49 8.82 32.61
CA ILE A 310 6.57 9.48 33.35
C ILE A 310 7.91 8.83 33.02
N LEU A 311 7.92 7.50 32.86
CA LEU A 311 9.15 6.83 32.47
C LEU A 311 9.62 7.31 31.11
N TYR A 312 8.70 7.57 30.19
CA TYR A 312 9.10 8.07 28.88
C TYR A 312 9.62 9.50 28.97
N ILE A 313 9.02 10.32 29.84
CA ILE A 313 9.55 11.67 30.02
C ILE A 313 10.97 11.62 30.56
N ILE A 314 11.22 10.74 31.53
CA ILE A 314 12.57 10.61 32.07
C ILE A 314 13.52 10.10 30.99
N HIS A 315 13.01 9.22 30.14
CA HIS A 315 13.81 8.73 29.03
C HIS A 315 14.21 9.86 28.22
N ALA A 316 13.26 10.62 27.80
CA ALA A 316 13.51 11.74 26.89
C ALA A 316 14.54 12.69 27.48
N ILE A 317 14.40 13.01 28.76
CA ILE A 317 15.39 13.88 29.40
C ILE A 317 16.78 13.26 29.33
N LEU A 318 16.86 11.96 29.59
CA LEU A 318 18.16 11.29 29.57
C LEU A 318 18.76 11.28 28.17
N ALA A 319 17.95 11.00 27.15
CA ALA A 319 18.45 11.00 25.78
C ALA A 319 18.92 12.38 25.38
N GLY A 320 18.18 13.42 25.79
CA GLY A 320 18.65 14.77 25.53
C GLY A 320 19.96 15.07 26.23
N LEU A 321 20.09 14.61 27.48
CA LEU A 321 21.33 14.81 28.22
C LEU A 321 22.50 14.07 27.58
N ALA A 322 22.23 12.98 26.87
CA ALA A 322 23.31 12.17 26.31
C ALA A 322 24.17 12.97 25.33
N PHE A 323 23.53 13.74 24.45
CA PHE A 323 24.28 14.43 23.41
C PHE A 323 25.26 15.46 23.97
N PRO A 324 24.86 16.36 24.89
CA PRO A 324 25.85 17.31 25.42
C PRO A 324 27.07 16.66 26.04
N ILE A 325 26.91 15.56 26.78
CA ILE A 325 28.05 14.95 27.43
C ILE A 325 28.97 14.30 26.39
N CYS A 326 28.39 13.75 25.36
CA CYS A 326 29.20 13.11 24.38
C CYS A 326 29.96 14.18 23.63
N ILE A 327 29.37 15.33 23.36
CA ILE A 327 30.10 16.43 22.74
C ILE A 327 31.21 16.91 23.66
N LEU A 328 30.92 17.06 24.96
CA LEU A 328 31.90 17.60 25.88
C LEU A 328 33.12 16.70 25.99
N LEU A 329 32.90 15.41 26.26
CA LEU A 329 34.02 14.48 26.32
C LEU A 329 34.65 14.27 24.95
N GLY A 330 33.82 14.21 23.91
CA GLY A 330 34.25 14.16 22.53
C GLY A 330 33.70 12.96 21.80
N MET A 331 33.77 11.78 22.42
CA MET A 331 32.87 10.66 22.16
C MET A 331 32.39 10.39 20.74
N ARG A 332 33.28 10.48 19.76
CA ARG A 332 32.90 10.53 18.35
C ARG A 332 32.65 9.13 17.80
N ASP A 333 31.47 8.94 17.21
CA ASP A 333 31.13 7.76 16.44
C ASP A 333 29.81 8.03 15.72
N GLY A 334 29.70 7.65 14.43
CA GLY A 334 28.54 8.02 13.59
C GLY A 334 27.39 7.11 13.26
N THR A 335 26.46 7.55 12.41
CA THR A 335 25.27 6.76 12.17
C THR A 335 24.91 6.65 10.72
N SER A 336 24.06 5.67 10.40
CA SER A 336 23.60 5.49 9.05
C SER A 336 22.15 5.83 9.11
N PHE A 337 21.42 5.08 9.91
CA PHE A 337 20.01 5.35 10.08
C PHE A 337 19.68 5.49 11.57
N SER A 338 20.43 4.79 12.41
CA SER A 338 20.25 4.85 13.85
C SER A 338 21.61 4.61 14.51
N HIS A 339 21.58 4.34 15.81
CA HIS A 339 22.79 4.12 16.61
C HIS A 339 22.69 2.76 17.28
N GLY A 340 23.14 1.73 16.58
CA GLY A 340 23.19 0.38 17.12
C GLY A 340 24.58 -0.20 17.07
N LEU A 341 24.73 -1.49 17.38
CA LEU A 341 26.05 -2.10 17.36
C LEU A 341 26.65 -2.08 15.95
N ILE A 342 25.85 -2.42 14.94
CA ILE A 342 26.37 -2.52 13.59
C ILE A 342 26.91 -1.17 13.13
N ASP A 343 26.14 -0.10 13.34
CA ASP A 343 26.62 1.23 13.02
C ASP A 343 27.80 1.61 13.91
N PHE A 344 27.73 1.25 15.20
CA PHE A 344 28.82 1.57 16.12
C PHE A 344 30.14 1.00 15.63
N ILE A 345 30.11 -0.14 14.94
CA ILE A 345 31.33 -0.81 14.51
C ILE A 345 31.74 -0.34 13.12
N VAL A 346 30.84 -0.47 12.14
CA VAL A 346 31.23 -0.27 10.75
C VAL A 346 31.65 1.18 10.50
N LEU A 347 30.98 2.13 11.16
CA LEU A 347 31.39 3.53 11.07
C LEU A 347 32.47 3.89 12.07
N SER A 348 33.22 2.90 12.56
CA SER A 348 34.35 3.20 13.44
C SER A 348 35.20 4.32 12.85
N GLY A 349 35.80 4.08 11.68
CA GLY A 349 36.45 5.13 10.93
C GLY A 349 37.28 6.06 11.77
N ASN A 350 36.76 7.28 11.96
CA ASN A 350 37.46 8.27 12.72
C ASN A 350 36.80 8.43 14.06
N SER A 351 36.28 7.37 14.60
CA SER A 351 35.60 7.40 15.89
C SER A 351 36.59 7.62 17.02
N SER A 352 36.72 8.88 17.41
CA SER A 352 37.64 9.26 18.45
C SER A 352 37.10 9.05 19.84
N LYS A 353 37.97 8.73 20.78
CA LYS A 353 37.56 8.43 22.14
C LYS A 353 36.44 7.43 22.11
N LEU A 354 36.70 6.27 21.57
CA LEU A 354 35.65 5.35 21.37
C LEU A 354 35.65 4.40 22.49
N TRP A 355 36.68 4.45 23.32
CA TRP A 355 36.66 3.59 24.50
C TRP A 355 35.73 4.10 25.58
N LEU A 356 35.39 5.38 25.58
CA LEU A 356 34.49 5.92 26.60
C LEU A 356 33.07 5.43 26.44
N PHE A 357 32.70 4.93 25.27
CA PHE A 357 31.32 4.49 25.05
C PHE A 357 30.93 3.34 25.96
N PRO A 358 31.72 2.27 26.08
CA PRO A 358 31.32 1.19 27.01
C PRO A 358 31.09 1.64 28.42
N ILE A 359 31.93 2.53 28.97
CA ILE A 359 31.84 2.86 30.38
C ILE A 359 30.67 3.80 30.65
N VAL A 360 30.54 4.86 29.84
CA VAL A 360 29.39 5.75 30.00
C VAL A 360 28.11 5.00 29.69
N GLY A 361 28.18 4.02 28.78
CA GLY A 361 27.02 3.19 28.52
C GLY A 361 26.64 2.33 29.71
N ILE A 362 27.63 1.78 30.41
CA ILE A 362 27.35 1.03 31.63
C ILE A 362 26.72 1.94 32.67
N GLY A 363 27.23 3.17 32.78
CA GLY A 363 26.62 4.13 33.68
C GLY A 363 25.17 4.41 33.33
N TYR A 364 24.89 4.62 32.05
CA TYR A 364 23.52 4.86 31.63
C TYR A 364 22.64 3.65 31.85
N ALA A 365 23.17 2.45 31.65
CA ALA A 365 22.42 1.25 31.96
C ALA A 365 22.07 1.18 33.44
N ILE A 366 23.05 1.48 34.30
CA ILE A 366 22.81 1.51 35.74
C ILE A 366 21.69 2.49 36.06
N VAL A 367 21.77 3.70 35.51
CA VAL A 367 20.81 4.73 35.85
C VAL A 367 19.42 4.35 35.35
N TYR A 368 19.32 3.92 34.09
CA TYR A 368 18.03 3.50 33.55
C TYR A 368 17.41 2.40 34.40
N TYR A 369 18.19 1.36 34.71
CA TYR A 369 17.66 0.25 35.48
C TYR A 369 17.23 0.71 36.86
N THR A 370 18.01 1.59 37.49
CA THR A 370 17.70 2.05 38.83
C THR A 370 16.37 2.81 38.85
N ILE A 371 16.23 3.81 37.98
CA ILE A 371 14.99 4.57 37.94
C ILE A 371 13.82 3.67 37.59
N PHE A 372 14.00 2.76 36.65
CA PHE A 372 12.87 1.93 36.23
C PHE A 372 12.40 1.04 37.36
N ARG A 373 13.32 0.29 37.96
CA ARG A 373 12.92 -0.63 39.02
C ARG A 373 12.50 0.08 40.29
N VAL A 374 12.89 1.35 40.46
CA VAL A 374 12.42 2.10 41.63
C VAL A 374 11.03 2.65 41.39
N LEU A 375 10.83 3.35 40.27
CA LEU A 375 9.55 3.97 39.99
C LEU A 375 8.45 2.93 39.80
N ILE A 376 8.74 1.85 39.07
CA ILE A 376 7.71 0.84 38.83
C ILE A 376 7.22 0.26 40.14
N LYS A 377 8.15 -0.09 41.03
CA LYS A 377 7.75 -0.62 42.33
C LYS A 377 7.00 0.41 43.16
N ALA A 378 7.47 1.66 43.17
CA ALA A 378 6.87 2.67 44.03
C ALA A 378 5.44 2.98 43.58
N LEU A 379 5.29 3.44 42.34
CA LEU A 379 3.98 3.79 41.81
C LEU A 379 3.18 2.58 41.36
N ASP A 380 3.77 1.39 41.38
CA ASP A 380 3.09 0.17 40.96
C ASP A 380 2.61 0.27 39.52
N LEU A 381 3.37 0.97 38.68
CA LEU A 381 3.01 1.10 37.27
C LEU A 381 2.87 -0.27 36.64
N LYS A 382 1.80 -0.47 35.88
CA LYS A 382 1.51 -1.76 35.27
C LYS A 382 2.24 -1.92 33.93
N THR A 383 3.55 -1.72 33.95
CA THR A 383 4.36 -1.97 32.78
C THR A 383 4.21 -3.43 32.35
N PRO A 384 4.64 -3.77 31.13
CA PRO A 384 4.51 -5.16 30.67
C PRO A 384 4.90 -6.17 31.72
N GLY A 385 3.95 -7.01 32.13
CA GLY A 385 4.14 -7.99 33.17
C GLY A 385 3.38 -7.69 34.45
N ARG A 386 3.01 -6.43 34.69
CA ARG A 386 2.26 -6.07 35.88
C ARG A 386 0.82 -5.69 35.52
N ASN B 4 -6.47 -30.89 -8.53
CA ASN B 4 -7.07 -29.74 -7.87
C ASN B 4 -6.68 -28.44 -8.58
N ALA B 5 -6.39 -28.55 -9.88
CA ALA B 5 -6.02 -27.38 -10.65
C ALA B 5 -7.20 -26.44 -10.83
N PHE B 6 -8.40 -26.98 -11.01
CA PHE B 6 -9.58 -26.14 -11.19
C PHE B 6 -9.85 -25.29 -9.95
N ALA B 7 -9.76 -25.91 -8.77
CA ALA B 7 -9.99 -25.17 -7.54
C ALA B 7 -8.94 -24.07 -7.35
N ASN B 8 -7.68 -24.39 -7.64
CA ASN B 8 -6.62 -23.39 -7.48
C ASN B 8 -6.78 -22.25 -8.48
N LEU B 9 -7.21 -22.56 -9.70
CA LEU B 9 -7.46 -21.51 -10.68
C LEU B 9 -8.62 -20.62 -10.26
N GLN B 10 -9.67 -21.21 -9.68
CA GLN B 10 -10.75 -20.40 -9.13
C GLN B 10 -10.26 -19.53 -7.98
N LYS B 11 -9.36 -20.08 -7.16
CA LYS B 11 -8.77 -19.29 -6.09
C LYS B 11 -8.01 -18.09 -6.66
N VAL B 12 -7.24 -18.31 -7.72
CA VAL B 12 -6.57 -17.20 -8.40
C VAL B 12 -7.60 -16.21 -8.92
N GLY B 13 -8.70 -16.72 -9.47
CA GLY B 13 -9.71 -15.83 -10.01
C GLY B 13 -10.30 -14.90 -8.97
N LYS B 14 -10.64 -15.44 -7.80
CA LYS B 14 -11.16 -14.57 -6.75
C LYS B 14 -10.08 -13.64 -6.18
N SER B 15 -8.85 -14.09 -6.14
CA SER B 15 -7.78 -13.26 -5.64
C SER B 15 -7.53 -12.12 -6.54
N LEU B 16 -7.81 -12.31 -7.80
CA LEU B 16 -7.71 -11.21 -8.76
C LEU B 16 -8.96 -10.36 -8.80
N MET B 17 -10.12 -10.94 -8.51
CA MET B 17 -11.35 -10.17 -8.44
C MET B 17 -11.27 -9.13 -7.33
N LEU B 18 -10.68 -9.50 -6.20
CA LEU B 18 -10.57 -8.55 -5.09
C LEU B 18 -9.87 -7.26 -5.50
N PRO B 19 -8.68 -7.28 -6.12
CA PRO B 19 -8.03 -6.00 -6.47
C PRO B 19 -8.88 -5.09 -7.33
N VAL B 20 -9.60 -5.65 -8.30
CA VAL B 20 -10.38 -4.84 -9.24
C VAL B 20 -11.70 -4.36 -8.64
N SER B 21 -12.06 -4.85 -7.46
CA SER B 21 -13.29 -4.41 -6.79
C SER B 21 -13.16 -3.04 -6.16
N VAL B 22 -11.94 -2.53 -5.99
CA VAL B 22 -11.72 -1.18 -5.48
C VAL B 22 -11.59 -0.16 -6.61
N LEU B 23 -11.84 -0.58 -7.85
CA LEU B 23 -11.79 0.31 -8.99
C LEU B 23 -12.93 1.32 -9.01
N PRO B 24 -14.09 1.05 -8.42
CA PRO B 24 -15.17 2.05 -8.46
C PRO B 24 -14.80 3.41 -7.87
N ILE B 25 -14.00 3.44 -6.81
CA ILE B 25 -13.65 4.72 -6.19
C ILE B 25 -12.76 5.54 -7.12
N ALA B 26 -11.73 4.89 -7.68
CA ALA B 26 -10.90 5.56 -8.66
C ALA B 26 -11.72 5.97 -9.87
N GLY B 27 -12.67 5.14 -10.26
CA GLY B 27 -13.59 5.48 -11.33
C GLY B 27 -14.26 6.79 -11.06
N ILE B 28 -15.00 6.88 -9.97
CA ILE B 28 -15.66 8.14 -9.62
C ILE B 28 -14.67 9.28 -9.68
N LEU B 29 -13.62 9.20 -8.86
CA LEU B 29 -12.72 10.34 -8.70
C LEU B 29 -12.12 10.76 -10.04
N LEU B 30 -11.33 9.87 -10.64
CA LEU B 30 -10.59 10.24 -11.85
C LEU B 30 -11.53 10.54 -13.02
N GLY B 31 -12.59 9.74 -13.21
CA GLY B 31 -13.48 9.97 -14.33
C GLY B 31 -14.17 11.31 -14.26
N VAL B 32 -14.72 11.66 -13.09
CA VAL B 32 -15.38 12.96 -12.97
C VAL B 32 -14.39 14.11 -12.81
N GLY B 33 -13.11 13.82 -12.57
CA GLY B 33 -12.12 14.88 -12.52
C GLY B 33 -11.54 15.22 -13.88
N SER B 34 -10.97 14.21 -14.55
CA SER B 34 -10.34 14.43 -15.85
C SER B 34 -11.33 14.90 -16.90
N ALA B 35 -12.63 14.69 -16.68
CA ALA B 35 -13.63 15.16 -17.62
C ALA B 35 -13.62 16.67 -17.76
N ASN B 36 -13.13 17.37 -16.74
CA ASN B 36 -13.10 18.84 -16.72
C ASN B 36 -14.46 19.45 -16.94
N PHE B 37 -15.43 18.94 -16.20
CA PHE B 37 -16.80 19.45 -16.29
C PHE B 37 -16.83 20.93 -15.99
N SER B 38 -17.68 21.66 -16.72
CA SER B 38 -17.82 23.09 -16.51
C SER B 38 -18.63 23.43 -15.27
N TRP B 39 -19.35 22.47 -14.69
CA TRP B 39 -20.15 22.73 -13.50
C TRP B 39 -19.41 22.45 -12.21
N LEU B 40 -18.15 22.03 -12.27
CA LEU B 40 -17.33 21.85 -11.09
C LEU B 40 -16.17 22.82 -11.09
N PRO B 41 -15.85 23.45 -9.96
CA PRO B 41 -14.67 24.32 -9.92
C PRO B 41 -13.41 23.54 -10.25
N ALA B 42 -12.47 24.21 -10.93
CA ALA B 42 -11.31 23.53 -11.47
C ALA B 42 -10.47 22.87 -10.37
N VAL B 43 -10.39 23.49 -9.20
CA VAL B 43 -9.60 22.92 -8.11
C VAL B 43 -10.19 21.57 -7.67
N VAL B 44 -11.52 21.49 -7.60
CA VAL B 44 -12.15 20.22 -7.24
C VAL B 44 -11.79 19.15 -8.25
N SER B 45 -11.84 19.49 -9.53
CA SER B 45 -11.49 18.53 -10.57
C SER B 45 -10.04 18.08 -10.44
N HIS B 46 -9.12 19.03 -10.20
CA HIS B 46 -7.71 18.67 -10.04
C HIS B 46 -7.53 17.72 -8.86
N VAL B 47 -8.14 18.05 -7.72
CA VAL B 47 -7.97 17.24 -6.52
C VAL B 47 -8.50 15.83 -6.75
N MET B 48 -9.69 15.72 -7.33
CA MET B 48 -10.26 14.41 -7.60
C MET B 48 -9.39 13.62 -8.57
N ALA B 49 -8.89 14.29 -9.62
CA ALA B 49 -8.06 13.60 -10.60
C ALA B 49 -6.79 13.05 -9.96
N GLU B 50 -6.12 13.84 -9.12
CA GLU B 50 -4.90 13.35 -8.50
C GLU B 50 -5.20 12.25 -7.49
N ALA B 51 -6.31 12.34 -6.76
CA ALA B 51 -6.67 11.25 -5.85
C ALA B 51 -6.87 9.94 -6.62
N GLY B 52 -7.59 10.01 -7.75
CA GLY B 52 -7.77 8.82 -8.56
C GLY B 52 -6.46 8.30 -9.13
N GLY B 53 -5.60 9.22 -9.56
CA GLY B 53 -4.29 8.80 -10.05
C GLY B 53 -3.46 8.12 -8.99
N SER B 54 -3.58 8.60 -7.75
CA SER B 54 -2.89 7.94 -6.64
C SER B 54 -3.45 6.55 -6.40
N VAL B 55 -4.77 6.39 -6.50
CA VAL B 55 -5.36 5.06 -6.36
C VAL B 55 -4.82 4.13 -7.44
N PHE B 56 -4.68 4.65 -8.67
CA PHE B 56 -4.24 3.80 -9.77
C PHE B 56 -2.75 3.51 -9.73
N ALA B 57 -1.93 4.41 -9.18
CA ALA B 57 -0.50 4.19 -9.11
C ALA B 57 -0.13 3.08 -8.13
N ASN B 58 -1.05 2.62 -7.34
CA ASN B 58 -0.80 1.56 -6.44
C ASN B 58 -1.51 0.30 -6.90
N MET B 59 -1.92 0.23 -8.16
CA MET B 59 -2.57 -0.96 -8.71
C MET B 59 -1.71 -2.21 -8.56
N PRO B 60 -0.41 -2.19 -8.87
CA PRO B 60 0.41 -3.36 -8.55
C PRO B 60 0.38 -3.72 -7.07
N LEU B 61 0.38 -2.72 -6.19
CA LEU B 61 0.35 -3.00 -4.76
C LEU B 61 -0.98 -3.59 -4.35
N ILE B 62 -2.08 -3.08 -4.91
CA ILE B 62 -3.39 -3.63 -4.58
C ILE B 62 -3.52 -5.06 -5.10
N PHE B 63 -2.94 -5.33 -6.28
CA PHE B 63 -2.93 -6.69 -6.80
C PHE B 63 -2.12 -7.61 -5.89
N ALA B 64 -0.97 -7.13 -5.40
CA ALA B 64 -0.18 -7.92 -4.47
C ALA B 64 -0.96 -8.24 -3.21
N ILE B 65 -1.64 -7.24 -2.65
CA ILE B 65 -2.43 -7.47 -1.44
C ILE B 65 -3.55 -8.45 -1.72
N GLY B 66 -4.22 -8.32 -2.86
CA GLY B 66 -5.31 -9.23 -3.18
C GLY B 66 -4.84 -10.66 -3.34
N VAL B 67 -3.71 -10.85 -4.03
CA VAL B 67 -3.16 -12.20 -4.18
C VAL B 67 -2.78 -12.75 -2.81
N ALA B 68 -2.14 -11.94 -1.97
CA ALA B 68 -1.74 -12.41 -0.65
C ALA B 68 -2.95 -12.82 0.18
N LEU B 69 -4.02 -12.03 0.14
CA LEU B 69 -5.18 -12.33 0.96
C LEU B 69 -5.96 -13.53 0.43
N GLY B 70 -6.05 -13.65 -0.90
CA GLY B 70 -6.83 -14.75 -1.47
C GLY B 70 -6.32 -16.11 -1.08
N PHE B 71 -4.99 -16.25 -0.96
CA PHE B 71 -4.37 -17.54 -0.69
C PHE B 71 -4.02 -17.72 0.79
N THR B 72 -4.45 -16.79 1.66
CA THR B 72 -4.15 -16.87 3.08
C THR B 72 -5.40 -16.69 3.93
N ASN B 73 -6.57 -17.01 3.43
CA ASN B 73 -7.83 -16.84 4.16
C ASN B 73 -7.97 -15.48 4.75
N ASN B 74 -7.79 -14.45 3.95
CA ASN B 74 -7.88 -13.04 4.39
C ASN B 74 -7.16 -12.75 5.67
N ASP B 75 -5.83 -12.84 5.64
CA ASP B 75 -5.02 -12.53 6.82
C ASP B 75 -4.26 -11.30 6.51
N GLY B 76 -4.29 -10.33 7.39
CA GLY B 76 -3.68 -9.04 7.13
C GLY B 76 -2.17 -9.08 7.08
N VAL B 77 -1.56 -9.93 7.91
CA VAL B 77 -0.10 -10.04 7.88
C VAL B 77 0.36 -10.43 6.48
N SER B 78 -0.46 -11.20 5.76
CA SER B 78 -0.15 -11.46 4.37
C SER B 78 -0.09 -10.17 3.56
N ALA B 79 -1.02 -9.25 3.82
CA ALA B 79 -1.01 -7.98 3.11
C ALA B 79 0.23 -7.16 3.44
N LEU B 80 0.62 -7.15 4.72
CA LEU B 80 1.83 -6.41 5.10
C LEU B 80 3.06 -7.01 4.43
N ALA B 81 3.16 -8.35 4.43
CA ALA B 81 4.24 -9.01 3.74
C ALA B 81 4.23 -8.68 2.25
N ALA B 82 3.04 -8.59 1.66
CA ALA B 82 2.94 -8.26 0.25
C ALA B 82 3.47 -6.85 -0.01
N VAL B 83 3.12 -5.90 0.83
CA VAL B 83 3.59 -4.53 0.64
C VAL B 83 5.11 -4.48 0.73
N VAL B 84 5.67 -5.08 1.79
CA VAL B 84 7.11 -5.05 1.99
C VAL B 84 7.82 -5.71 0.82
N ALA B 85 7.32 -6.89 0.43
CA ALA B 85 7.95 -7.64 -0.66
C ALA B 85 7.87 -6.88 -1.97
N TYR B 86 6.73 -6.26 -2.26
CA TYR B 86 6.59 -5.53 -3.51
C TYR B 86 7.57 -4.36 -3.56
N GLY B 87 7.67 -3.60 -2.48
CA GLY B 87 8.62 -2.50 -2.47
C GLY B 87 10.03 -2.97 -2.68
N ILE B 88 10.44 -4.00 -1.93
CA ILE B 88 11.82 -4.49 -2.03
C ILE B 88 12.09 -5.03 -3.43
N MET B 89 11.13 -5.76 -4.00
CA MET B 89 11.32 -6.34 -5.32
C MET B 89 11.45 -5.25 -6.38
N VAL B 90 10.60 -4.22 -6.31
CA VAL B 90 10.66 -3.16 -7.30
C VAL B 90 12.01 -2.46 -7.24
N LYS B 91 12.47 -2.14 -6.01
CA LYS B 91 13.75 -1.44 -5.90
C LYS B 91 14.90 -2.34 -6.35
N THR B 92 14.86 -3.63 -5.99
CA THR B 92 15.92 -4.55 -6.38
C THR B 92 16.00 -4.66 -7.90
N MET B 93 14.85 -4.75 -8.58
CA MET B 93 14.86 -4.74 -10.03
C MET B 93 15.44 -3.43 -10.55
N ALA B 94 15.00 -2.31 -9.98
CA ALA B 94 15.49 -1.01 -10.45
C ALA B 94 17.01 -0.94 -10.41
N VAL B 95 17.62 -1.58 -9.41
CA VAL B 95 19.07 -1.52 -9.27
C VAL B 95 19.80 -2.63 -10.04
N VAL B 96 19.14 -3.76 -10.30
CA VAL B 96 19.81 -4.90 -10.94
C VAL B 96 19.59 -4.97 -12.45
N ALA B 97 18.50 -4.39 -12.97
CA ALA B 97 18.22 -4.48 -14.40
C ALA B 97 19.31 -3.87 -15.26
N PRO B 98 19.87 -2.70 -14.94
CA PRO B 98 20.94 -2.14 -15.79
C PRO B 98 22.12 -3.08 -15.95
N LEU B 99 22.39 -3.93 -14.96
CA LEU B 99 23.44 -4.93 -15.12
C LEU B 99 23.10 -5.89 -16.25
N VAL B 100 21.86 -6.39 -16.27
CA VAL B 100 21.46 -7.36 -17.27
C VAL B 100 21.41 -6.71 -18.65
N LEU B 101 20.77 -5.54 -18.73
CA LEU B 101 20.50 -4.92 -20.03
C LEU B 101 21.64 -4.06 -20.53
N HIS B 102 22.67 -3.81 -19.71
CA HIS B 102 23.83 -3.05 -20.14
C HIS B 102 23.44 -1.69 -20.70
N LEU B 103 22.43 -1.06 -20.09
CA LEU B 103 21.98 0.27 -20.44
C LEU B 103 21.84 1.10 -19.18
N PRO B 104 21.98 2.42 -19.28
CA PRO B 104 21.90 3.26 -18.08
C PRO B 104 20.56 3.11 -17.37
N ALA B 105 20.60 3.16 -16.04
CA ALA B 105 19.37 3.05 -15.26
C ALA B 105 18.42 4.19 -15.58
N GLU B 106 18.94 5.35 -15.96
CA GLU B 106 18.08 6.48 -16.30
C GLU B 106 17.19 6.15 -17.50
N GLU B 107 17.77 5.57 -18.55
CA GLU B 107 16.97 5.21 -19.71
C GLU B 107 15.94 4.14 -19.37
N ILE B 108 16.32 3.16 -18.56
CA ILE B 108 15.38 2.10 -18.17
C ILE B 108 14.21 2.71 -17.40
N ALA B 109 14.50 3.61 -16.45
CA ALA B 109 13.43 4.23 -15.70
C ALA B 109 12.56 5.13 -16.57
N SER B 110 13.16 5.76 -17.59
CA SER B 110 12.39 6.67 -18.44
C SER B 110 11.47 5.91 -19.38
N LYS B 111 11.94 4.81 -19.96
CA LYS B 111 11.19 4.09 -20.98
C LYS B 111 10.52 2.82 -20.45
N HIS B 112 10.47 2.65 -19.13
CA HIS B 112 9.71 1.56 -18.50
C HIS B 112 10.19 0.20 -18.96
N LEU B 113 11.46 0.06 -19.34
CA LEU B 113 11.95 -1.25 -19.76
C LEU B 113 11.84 -2.25 -18.62
N ALA B 114 12.23 -1.84 -17.41
CA ALA B 114 12.14 -2.70 -16.23
C ALA B 114 10.89 -2.28 -15.44
N ASP B 115 9.74 -2.81 -15.87
CA ASP B 115 8.47 -2.46 -15.24
C ASP B 115 7.57 -3.68 -15.35
N THR B 116 7.53 -4.51 -14.29
CA THR B 116 6.66 -5.67 -14.30
C THR B 116 5.19 -5.26 -14.26
N GLY B 117 4.85 -4.27 -13.44
CA GLY B 117 3.48 -3.81 -13.34
C GLY B 117 2.60 -4.72 -12.50
N VAL B 118 1.35 -4.88 -12.94
CA VAL B 118 0.42 -5.73 -12.20
C VAL B 118 0.96 -7.14 -12.08
N LEU B 119 1.70 -7.59 -13.09
CA LEU B 119 2.32 -8.91 -13.00
C LEU B 119 3.30 -8.97 -11.83
N GLY B 120 4.13 -7.94 -11.68
CA GLY B 120 5.05 -7.91 -10.55
C GLY B 120 4.32 -7.83 -9.22
N GLY B 121 3.22 -7.09 -9.18
CA GLY B 121 2.39 -7.12 -7.99
C GLY B 121 1.90 -8.52 -7.67
N ILE B 122 1.52 -9.28 -8.69
CA ILE B 122 1.06 -10.64 -8.47
C ILE B 122 2.19 -11.52 -7.97
N ILE B 123 3.41 -11.33 -8.50
CA ILE B 123 4.55 -12.11 -8.00
C ILE B 123 4.80 -11.79 -6.53
N SER B 124 4.75 -10.51 -6.17
CA SER B 124 4.97 -10.14 -4.77
C SER B 124 3.89 -10.74 -3.87
N GLY B 125 2.64 -10.68 -4.32
CA GLY B 125 1.56 -11.29 -3.55
C GLY B 125 1.73 -12.79 -3.40
N ALA B 126 2.18 -13.46 -4.47
CA ALA B 126 2.42 -14.90 -4.40
C ALA B 126 3.52 -15.21 -3.40
N ILE B 127 4.58 -14.42 -3.40
CA ILE B 127 5.65 -14.61 -2.42
C ILE B 127 5.09 -14.47 -1.01
N ALA B 128 4.30 -13.41 -0.78
CA ALA B 128 3.74 -13.19 0.54
C ALA B 128 2.87 -14.36 0.97
N ALA B 129 1.99 -14.82 0.07
CA ALA B 129 1.10 -15.92 0.41
C ALA B 129 1.88 -17.19 0.72
N TYR B 130 2.90 -17.50 -0.08
CA TYR B 130 3.67 -18.72 0.15
C TYR B 130 4.40 -18.65 1.48
N MET B 131 5.14 -17.56 1.71
CA MET B 131 5.90 -17.46 2.95
C MET B 131 4.98 -17.46 4.16
N PHE B 132 3.80 -16.85 4.04
CA PHE B 132 2.85 -16.88 5.13
C PHE B 132 2.37 -18.30 5.40
N ASN B 133 2.00 -19.03 4.39
CA ASN B 133 1.42 -20.33 4.64
C ASN B 133 2.44 -21.31 5.04
N ARG B 134 3.70 -20.95 4.94
CA ARG B 134 4.75 -21.83 5.33
C ARG B 134 5.42 -21.48 6.60
N PHE B 135 5.31 -20.25 7.03
CA PHE B 135 6.06 -19.78 8.19
C PHE B 135 5.23 -18.93 9.13
N TYR B 136 3.94 -19.21 9.27
CA TYR B 136 3.09 -18.45 10.17
C TYR B 136 2.88 -19.15 11.51
N ARG B 137 3.57 -20.27 11.75
CA ARG B 137 3.60 -20.90 13.06
C ARG B 137 5.01 -21.21 13.49
N ILE B 138 6.01 -20.53 12.92
CA ILE B 138 7.39 -20.82 13.24
C ILE B 138 7.65 -20.53 14.71
N LYS B 139 8.53 -21.31 15.30
CA LYS B 139 8.94 -21.16 16.69
C LYS B 139 10.41 -20.73 16.71
N LEU B 140 10.65 -19.43 16.59
CA LEU B 140 12.00 -18.92 16.67
C LEU B 140 12.51 -19.01 18.11
N PRO B 141 13.83 -18.92 18.31
CA PRO B 141 14.38 -19.08 19.66
C PRO B 141 13.68 -18.21 20.70
N GLU B 142 13.89 -18.50 21.97
CA GLU B 142 13.17 -17.78 23.05
C GLU B 142 13.55 -16.35 23.19
N TYR B 143 14.79 -16.08 22.95
CA TYR B 143 15.23 -14.69 22.99
C TYR B 143 14.83 -13.92 21.74
N LEU B 144 14.38 -14.60 20.68
CA LEU B 144 13.95 -13.96 19.45
C LEU B 144 12.43 -14.01 19.28
N GLY B 145 11.69 -14.17 20.38
CA GLY B 145 10.26 -14.33 20.30
C GLY B 145 9.53 -13.12 19.75
N PHE B 146 10.17 -11.95 19.75
CA PHE B 146 9.53 -10.75 19.23
C PHE B 146 9.20 -10.89 17.75
N PHE B 147 9.86 -11.83 17.06
CA PHE B 147 9.63 -12.07 15.64
C PHE B 147 8.99 -13.43 15.36
N ALA B 148 8.88 -14.29 16.35
CA ALA B 148 8.30 -15.61 16.12
C ALA B 148 6.83 -15.49 15.75
N GLY B 149 6.41 -16.31 14.78
CA GLY B 149 5.02 -16.34 14.36
C GLY B 149 4.75 -15.48 13.15
N LYS B 150 3.57 -14.85 13.12
CA LYS B 150 3.21 -13.99 12.01
C LYS B 150 4.17 -12.81 11.88
N ARG B 151 4.91 -12.49 12.94
CA ARG B 151 5.88 -11.41 12.87
C ARG B 151 7.05 -11.76 11.96
N PHE B 152 7.33 -13.05 11.77
CA PHE B 152 8.42 -13.49 10.89
C PHE B 152 8.01 -13.50 9.43
N VAL B 153 6.72 -13.59 9.12
CA VAL B 153 6.30 -13.71 7.73
C VAL B 153 6.72 -12.50 6.91
N PRO B 154 6.48 -11.26 7.35
CA PRO B 154 6.99 -10.11 6.56
C PRO B 154 8.49 -10.14 6.41
N ILE B 155 9.22 -10.62 7.42
CA ILE B 155 10.68 -10.62 7.37
C ILE B 155 11.15 -11.49 6.22
N ILE B 156 10.79 -12.77 6.25
CA ILE B 156 11.24 -13.70 5.22
C ILE B 156 10.63 -13.36 3.87
N SER B 157 9.42 -12.79 3.84
CA SER B 157 8.85 -12.37 2.57
C SER B 157 9.69 -11.27 1.93
N GLY B 158 10.06 -10.26 2.70
CA GLY B 158 10.93 -9.22 2.17
C GLY B 158 12.30 -9.73 1.81
N LEU B 159 12.78 -10.77 2.51
CA LEU B 159 14.06 -11.36 2.15
C LEU B 159 13.97 -12.07 0.81
N ALA B 160 12.92 -12.86 0.59
CA ALA B 160 12.72 -13.51 -0.70
C ALA B 160 12.46 -12.50 -1.81
N ALA B 161 12.00 -11.30 -1.45
CA ALA B 161 11.73 -10.29 -2.47
C ALA B 161 13.00 -9.92 -3.23
N ILE B 162 14.14 -9.82 -2.55
CA ILE B 162 15.38 -9.42 -3.22
C ILE B 162 15.77 -10.47 -4.26
N PHE B 163 15.72 -11.75 -3.87
CA PHE B 163 16.08 -12.81 -4.79
C PHE B 163 15.12 -12.87 -5.97
N THR B 164 13.83 -12.71 -5.71
CA THR B 164 12.87 -12.68 -6.81
C THR B 164 13.15 -11.49 -7.73
N GLY B 165 13.56 -10.37 -7.16
CA GLY B 165 13.85 -9.21 -7.99
C GLY B 165 15.03 -9.43 -8.90
N VAL B 166 16.10 -10.04 -8.39
CA VAL B 166 17.25 -10.32 -9.24
C VAL B 166 16.87 -11.34 -10.32
N VAL B 167 16.14 -12.39 -9.94
CA VAL B 167 15.73 -13.38 -10.92
C VAL B 167 14.88 -12.73 -12.01
N LEU B 168 13.96 -11.84 -11.62
CA LEU B 168 13.13 -11.18 -12.62
C LEU B 168 13.97 -10.27 -13.51
N SER B 169 14.90 -9.51 -12.92
CA SER B 169 15.77 -8.69 -13.75
C SER B 169 16.57 -9.53 -14.73
N PHE B 170 16.77 -10.81 -14.43
CA PHE B 170 17.50 -11.69 -15.34
C PHE B 170 16.61 -12.35 -16.39
N ILE B 171 15.35 -12.64 -16.08
CA ILE B 171 14.47 -13.37 -16.99
C ILE B 171 13.37 -12.50 -17.60
N TRP B 172 13.40 -11.19 -17.40
CA TRP B 172 12.30 -10.38 -17.86
C TRP B 172 12.34 -10.05 -19.36
N PRO B 173 13.47 -9.62 -19.90
CA PRO B 173 13.46 -8.98 -21.24
C PRO B 173 12.57 -9.70 -22.23
N PRO B 174 12.67 -11.02 -22.38
CA PRO B 174 11.76 -11.70 -23.32
C PRO B 174 10.30 -11.57 -22.92
N ILE B 175 9.98 -11.73 -21.64
CA ILE B 175 8.59 -11.62 -21.19
C ILE B 175 8.07 -10.21 -21.44
N GLY B 176 8.90 -9.21 -21.13
CA GLY B 176 8.50 -7.84 -21.36
C GLY B 176 8.27 -7.53 -22.82
N SER B 177 9.12 -8.04 -23.71
CA SER B 177 8.94 -7.82 -25.13
C SER B 177 7.68 -8.51 -25.64
N ALA B 178 7.41 -9.72 -25.15
CA ALA B 178 6.18 -10.41 -25.54
C ALA B 178 4.96 -9.62 -25.10
N ILE B 179 4.97 -9.10 -23.89
CA ILE B 179 3.85 -8.37 -23.44
C ILE B 179 3.80 -7.12 -24.25
N GLN B 180 4.92 -6.53 -24.62
CA GLN B 180 4.83 -5.29 -25.34
C GLN B 180 4.10 -5.46 -26.63
N THR B 181 4.33 -6.55 -27.32
CA THR B 181 3.70 -6.75 -28.63
C THR B 181 2.21 -7.02 -28.59
N PHE B 182 1.70 -7.54 -27.49
CA PHE B 182 0.29 -7.75 -27.33
C PHE B 182 -0.22 -6.46 -26.91
N SER B 183 0.51 -5.76 -26.10
CA SER B 183 0.11 -4.43 -25.70
C SER B 183 0.09 -3.44 -26.86
N GLN B 184 0.59 -3.85 -28.01
CA GLN B 184 0.58 -2.98 -29.14
C GLN B 184 -0.38 -3.51 -30.16
N TRP B 185 -0.52 -4.83 -30.30
CA TRP B 185 -1.53 -5.36 -31.20
C TRP B 185 -2.87 -5.14 -30.63
N ALA B 186 -3.07 -5.50 -29.39
CA ALA B 186 -4.41 -5.45 -28.86
C ALA B 186 -4.93 -4.02 -28.71
N ALA B 187 -4.05 -3.03 -28.69
CA ALA B 187 -4.47 -1.65 -28.50
C ALA B 187 -4.48 -0.83 -29.78
N TYR B 188 -3.47 -0.95 -30.63
CA TYR B 188 -3.29 -0.01 -31.74
C TYR B 188 -3.15 -0.64 -33.11
N GLN B 189 -3.17 -1.97 -33.23
CA GLN B 189 -3.01 -2.61 -34.53
C GLN B 189 -4.28 -3.34 -34.96
N ASN B 190 -4.76 -4.19 -34.11
CA ASN B 190 -5.98 -4.83 -34.41
C ASN B 190 -6.78 -4.94 -33.18
N PRO B 191 -7.37 -3.83 -32.77
CA PRO B 191 -8.30 -3.82 -31.62
C PRO B 191 -9.60 -4.54 -31.92
N VAL B 192 -10.07 -4.51 -33.16
CA VAL B 192 -11.34 -5.15 -33.51
C VAL B 192 -11.31 -6.62 -33.14
N VAL B 193 -10.41 -7.38 -33.78
CA VAL B 193 -10.37 -8.82 -33.58
C VAL B 193 -9.88 -9.15 -32.18
N ALA B 194 -8.91 -8.39 -31.67
CA ALA B 194 -8.41 -8.64 -30.33
C ALA B 194 -9.53 -8.59 -29.30
N PHE B 195 -10.35 -7.53 -29.34
CA PHE B 195 -11.40 -7.39 -28.36
C PHE B 195 -12.61 -8.26 -28.64
N GLY B 196 -12.83 -8.66 -29.90
CA GLY B 196 -13.81 -9.70 -30.15
C GLY B 196 -13.43 -11.01 -29.48
N ILE B 197 -12.16 -11.40 -29.64
CA ILE B 197 -11.65 -12.58 -28.94
C ILE B 197 -11.79 -12.40 -27.45
N TYR B 198 -11.46 -11.22 -26.95
CA TYR B 198 -11.60 -10.95 -25.52
C TYR B 198 -13.02 -11.21 -25.04
N GLY B 199 -14.00 -10.63 -25.73
CA GLY B 199 -15.39 -10.79 -25.31
C GLY B 199 -15.82 -12.24 -25.34
N PHE B 200 -15.51 -12.94 -26.43
CA PHE B 200 -15.92 -14.34 -26.53
C PHE B 200 -15.30 -15.18 -25.41
N ILE B 201 -14.00 -14.99 -25.18
CA ILE B 201 -13.32 -15.81 -24.18
C ILE B 201 -13.82 -15.47 -22.79
N GLU B 202 -14.04 -14.22 -22.50
CA GLU B 202 -14.53 -13.91 -21.21
C GLU B 202 -15.92 -14.53 -21.04
N ARG B 203 -16.85 -14.42 -21.97
CA ARG B 203 -18.14 -15.09 -21.80
C ARG B 203 -17.96 -16.59 -21.58
N CYS B 204 -17.02 -17.20 -22.29
CA CYS B 204 -16.81 -18.64 -22.13
C CYS B 204 -16.20 -18.98 -20.78
N LEU B 205 -15.48 -18.05 -20.17
CA LEU B 205 -14.82 -18.30 -18.89
C LEU B 205 -15.66 -17.90 -17.69
N VAL B 206 -16.66 -17.02 -17.88
CA VAL B 206 -17.50 -16.60 -16.75
C VAL B 206 -18.12 -17.79 -16.04
N PRO B 207 -18.62 -18.83 -16.71
CA PRO B 207 -19.28 -19.94 -16.00
C PRO B 207 -18.44 -20.58 -14.91
N PHE B 208 -17.14 -20.30 -14.89
CA PHE B 208 -16.22 -20.92 -13.96
C PHE B 208 -15.57 -19.96 -12.97
N GLY B 209 -15.33 -18.71 -13.37
CA GLY B 209 -14.73 -17.72 -12.50
C GLY B 209 -13.32 -17.30 -12.87
N LEU B 210 -12.81 -17.74 -14.01
CA LEU B 210 -11.46 -17.41 -14.45
C LEU B 210 -11.42 -16.19 -15.37
N HIS B 211 -12.58 -15.59 -15.62
CA HIS B 211 -12.60 -14.39 -16.44
C HIS B 211 -11.83 -13.25 -15.81
N HIS B 212 -11.44 -13.35 -14.55
CA HIS B 212 -10.71 -12.32 -13.88
C HIS B 212 -9.31 -12.44 -14.26
N ILE B 213 -8.83 -13.62 -14.43
CA ILE B 213 -7.52 -13.87 -15.01
C ILE B 213 -7.51 -13.43 -16.46
N TRP B 214 -8.57 -13.73 -17.20
CA TRP B 214 -8.60 -13.34 -18.61
C TRP B 214 -8.61 -11.83 -18.78
N ASN B 215 -9.18 -11.09 -17.82
CA ASN B 215 -9.34 -9.64 -17.92
C ASN B 215 -8.17 -8.86 -17.45
N VAL B 216 -7.39 -9.43 -16.56
CA VAL B 216 -6.27 -8.67 -15.99
C VAL B 216 -5.46 -7.96 -17.08
N PRO B 217 -5.02 -8.63 -18.16
CA PRO B 217 -4.19 -7.94 -19.16
C PRO B 217 -4.93 -6.83 -19.89
N PHE B 218 -6.11 -7.14 -20.45
CA PHE B 218 -6.82 -6.16 -21.26
C PHE B 218 -7.23 -4.95 -20.43
N GLN B 219 -7.49 -5.13 -19.14
CA GLN B 219 -7.98 -4.05 -18.30
C GLN B 219 -6.87 -3.31 -17.57
N MET B 220 -5.67 -3.88 -17.46
CA MET B 220 -4.63 -3.25 -16.66
C MET B 220 -3.25 -3.23 -17.31
N GLN B 221 -3.05 -3.84 -18.49
CA GLN B 221 -1.73 -3.94 -19.08
C GLN B 221 -1.61 -3.22 -20.41
N ILE B 222 -2.50 -3.50 -21.36
CA ILE B 222 -2.30 -3.01 -22.73
C ILE B 222 -2.28 -1.48 -22.75
N GLY B 223 -1.57 -0.94 -23.74
CA GLY B 223 -1.55 0.49 -23.97
C GLY B 223 -0.57 1.21 -23.07
N GLU B 224 -0.38 2.49 -23.39
CA GLU B 224 0.52 3.35 -22.62
C GLU B 224 0.12 4.80 -22.87
N TYR B 225 -0.41 5.46 -21.84
CA TYR B 225 -0.85 6.84 -21.94
C TYR B 225 -0.21 7.67 -20.84
N THR B 226 0.22 8.88 -21.19
CA THR B 226 0.80 9.82 -20.24
C THR B 226 -0.03 11.09 -20.24
N ASN B 227 -0.53 11.46 -19.07
CA ASN B 227 -1.30 12.67 -18.91
C ASN B 227 -0.40 13.86 -18.99
N ALA B 228 -0.98 15.05 -19.06
CA ALA B 228 -0.15 16.26 -19.05
C ALA B 228 0.68 16.34 -17.78
N ALA B 229 0.13 15.89 -16.65
CA ALA B 229 0.89 15.86 -15.41
C ALA B 229 2.11 14.96 -15.50
N GLY B 230 2.14 14.03 -16.46
CA GLY B 230 3.27 13.16 -16.66
C GLY B 230 3.09 11.75 -16.17
N GLN B 231 2.05 11.48 -15.39
CA GLN B 231 1.81 10.12 -14.93
C GLN B 231 1.48 9.22 -16.12
N VAL B 232 2.08 8.04 -16.16
CA VAL B 232 1.90 7.09 -17.26
C VAL B 232 0.86 6.06 -16.81
N PHE B 233 -0.12 5.83 -17.67
CA PHE B 233 -1.23 4.93 -17.38
C PHE B 233 -1.17 3.74 -18.34
N HIS B 234 -1.44 2.55 -17.80
CA HIS B 234 -1.47 1.31 -18.58
C HIS B 234 -2.82 0.65 -18.42
N GLY B 235 -3.09 -0.30 -19.31
CA GLY B 235 -4.37 -0.98 -19.33
C GLY B 235 -5.37 -0.23 -20.20
N ASP B 236 -6.61 -0.70 -20.13
CA ASP B 236 -7.71 -0.06 -20.84
C ASP B 236 -8.60 0.77 -19.93
N ILE B 237 -8.99 0.22 -18.78
CA ILE B 237 -9.80 1.00 -17.84
C ILE B 237 -9.04 2.22 -17.33
N PRO B 238 -7.82 2.10 -16.80
CA PRO B 238 -7.08 3.31 -16.42
C PRO B 238 -6.84 4.25 -17.59
N ARG B 239 -6.58 3.70 -18.78
CA ARG B 239 -6.31 4.55 -19.92
C ARG B 239 -7.51 5.39 -20.29
N TYR B 240 -8.70 4.79 -20.33
CA TYR B 240 -9.90 5.56 -20.61
C TYR B 240 -10.17 6.57 -19.51
N MET B 241 -10.04 6.16 -18.26
CA MET B 241 -10.32 7.09 -17.17
C MET B 241 -9.40 8.30 -17.23
N ALA B 242 -8.12 8.09 -17.57
CA ALA B 242 -7.19 9.20 -17.67
C ALA B 242 -7.60 10.18 -18.76
N GLY B 243 -8.08 9.66 -19.88
CA GLY B 243 -8.54 10.51 -20.97
C GLY B 243 -7.84 10.23 -22.28
N ASP B 244 -7.34 9.01 -22.45
CA ASP B 244 -6.67 8.64 -23.68
C ASP B 244 -7.69 8.58 -24.82
N PRO B 245 -7.52 9.32 -25.90
CA PRO B 245 -8.52 9.28 -26.98
C PRO B 245 -8.65 7.91 -27.62
N THR B 246 -7.63 7.07 -27.54
CA THR B 246 -7.64 5.77 -28.19
C THR B 246 -8.14 4.65 -27.28
N ALA B 247 -8.57 4.96 -26.07
CA ALA B 247 -9.08 3.97 -25.15
C ALA B 247 -10.59 3.79 -25.37
N GLY B 248 -11.25 3.08 -24.46
CA GLY B 248 -12.67 2.83 -24.59
C GLY B 248 -13.01 1.59 -25.38
N LYS B 249 -12.07 0.67 -25.56
CA LYS B 249 -12.33 -0.52 -26.37
C LYS B 249 -13.25 -1.49 -25.65
N LEU B 250 -13.20 -1.52 -24.32
CA LEU B 250 -14.09 -2.37 -23.53
C LEU B 250 -15.52 -1.83 -23.44
N SER B 251 -15.86 -0.83 -24.26
CA SER B 251 -17.16 -0.18 -24.16
C SER B 251 -18.31 -1.04 -24.69
N GLY B 252 -18.01 -2.17 -25.31
CA GLY B 252 -19.05 -3.05 -25.81
C GLY B 252 -19.74 -3.89 -24.77
N GLY B 253 -19.27 -3.85 -23.52
CA GLY B 253 -19.94 -4.59 -22.46
C GLY B 253 -21.35 -4.10 -22.22
N PHE B 254 -21.58 -2.81 -22.39
CA PHE B 254 -22.91 -2.25 -22.16
C PHE B 254 -23.96 -2.90 -23.04
N LEU B 255 -23.58 -3.29 -24.26
CA LEU B 255 -24.60 -3.74 -25.22
C LEU B 255 -25.29 -5.01 -24.73
N PHE B 256 -24.55 -5.93 -24.13
CA PHE B 256 -25.12 -7.19 -23.66
C PHE B 256 -25.28 -7.28 -22.16
N LYS B 257 -24.72 -6.33 -21.39
CA LYS B 257 -24.96 -6.30 -19.95
C LYS B 257 -26.11 -5.38 -19.59
N MET B 258 -26.23 -4.24 -20.25
CA MET B 258 -27.30 -3.30 -19.97
C MET B 258 -28.55 -3.55 -20.80
N TYR B 259 -28.41 -4.07 -22.02
CA TYR B 259 -29.54 -4.22 -22.93
C TYR B 259 -29.80 -5.65 -23.35
N GLY B 260 -28.78 -6.49 -23.49
CA GLY B 260 -28.97 -7.82 -24.03
C GLY B 260 -29.42 -8.83 -22.99
N LEU B 261 -28.72 -8.89 -21.88
CA LEU B 261 -29.01 -9.91 -20.87
C LEU B 261 -30.28 -9.58 -20.10
N PRO B 262 -30.57 -8.30 -19.82
CA PRO B 262 -31.91 -7.98 -19.32
C PRO B 262 -33.01 -8.43 -20.26
N ALA B 263 -32.80 -8.28 -21.57
CA ALA B 263 -33.78 -8.77 -22.53
C ALA B 263 -33.91 -10.29 -22.46
N ALA B 264 -32.78 -10.99 -22.29
CA ALA B 264 -32.82 -12.44 -22.13
C ALA B 264 -33.61 -12.83 -20.89
N ALA B 265 -33.39 -12.10 -19.80
CA ALA B 265 -34.11 -12.39 -18.55
C ALA B 265 -35.61 -12.17 -18.73
N ILE B 266 -35.99 -11.08 -19.38
CA ILE B 266 -37.41 -10.82 -19.63
C ILE B 266 -38.00 -11.92 -20.51
N ALA B 267 -37.24 -12.37 -21.51
CA ALA B 267 -37.71 -13.45 -22.37
C ALA B 267 -37.90 -14.73 -21.57
N ILE B 268 -36.96 -15.04 -20.68
CA ILE B 268 -37.10 -16.23 -19.84
C ILE B 268 -38.35 -16.14 -18.98
N TRP B 269 -38.58 -14.95 -18.40
CA TRP B 269 -39.77 -14.76 -17.58
C TRP B 269 -41.04 -14.94 -18.40
N HIS B 270 -41.08 -14.35 -19.59
CA HIS B 270 -42.30 -14.39 -20.41
C HIS B 270 -42.56 -15.75 -21.00
N SER B 271 -41.59 -16.67 -20.96
CA SER B 271 -41.75 -18.03 -21.45
C SER B 271 -42.04 -19.02 -20.35
N ALA B 272 -42.10 -18.59 -19.09
CA ALA B 272 -42.40 -19.47 -17.99
C ALA B 272 -43.87 -19.89 -18.04
N LYS B 273 -44.17 -21.01 -17.40
CA LYS B 273 -45.53 -21.51 -17.38
C LYS B 273 -46.41 -20.61 -16.52
N PRO B 274 -47.73 -20.68 -16.70
CA PRO B 274 -48.60 -19.76 -15.95
C PRO B 274 -48.44 -19.85 -14.45
N GLU B 275 -48.31 -21.05 -13.92
CA GLU B 275 -48.28 -21.21 -12.48
C GLU B 275 -47.03 -20.68 -11.92
N ASN B 276 -46.02 -20.48 -12.76
CA ASN B 276 -44.73 -20.10 -12.26
C ASN B 276 -44.28 -18.87 -13.00
N ARG B 277 -45.20 -17.97 -13.31
CA ARG B 277 -44.84 -16.73 -13.95
C ARG B 277 -44.67 -15.59 -12.98
N ALA B 278 -45.34 -15.64 -11.83
CA ALA B 278 -45.13 -14.61 -10.83
C ALA B 278 -43.78 -14.77 -10.14
N LYS B 279 -43.49 -15.98 -9.66
CA LYS B 279 -42.22 -16.22 -8.95
C LYS B 279 -41.05 -15.95 -9.88
N VAL B 280 -41.05 -16.59 -11.04
CA VAL B 280 -39.99 -16.37 -12.02
C VAL B 280 -39.92 -14.91 -12.40
N GLY B 281 -41.08 -14.25 -12.46
CA GLY B 281 -41.08 -12.82 -12.73
C GLY B 281 -40.27 -12.06 -11.71
N GLY B 282 -40.50 -12.33 -10.42
CA GLY B 282 -39.73 -11.65 -9.40
C GLY B 282 -38.25 -11.93 -9.50
N ILE B 283 -37.88 -13.21 -9.64
CA ILE B 283 -36.46 -13.56 -9.69
C ILE B 283 -35.80 -12.90 -10.89
N MET B 284 -36.45 -12.96 -12.05
CA MET B 284 -35.83 -12.45 -13.27
C MET B 284 -35.80 -10.93 -13.28
N ILE B 285 -36.78 -10.26 -12.69
CA ILE B 285 -36.70 -8.81 -12.56
C ILE B 285 -35.53 -8.42 -11.66
N SER B 286 -35.36 -9.14 -10.56
CA SER B 286 -34.21 -8.86 -9.69
C SER B 286 -32.90 -9.04 -10.45
N ALA B 287 -32.78 -10.13 -11.21
CA ALA B 287 -31.57 -10.40 -11.96
C ALA B 287 -31.33 -9.34 -13.03
N ALA B 288 -32.40 -8.94 -13.74
CA ALA B 288 -32.27 -7.93 -14.78
C ALA B 288 -31.84 -6.60 -14.20
N LEU B 289 -32.40 -6.21 -13.06
CA LEU B 289 -31.95 -4.99 -12.41
C LEU B 289 -30.50 -5.08 -12.00
N THR B 290 -30.10 -6.23 -11.43
CA THR B 290 -28.70 -6.41 -11.03
C THR B 290 -27.77 -6.24 -12.23
N SER B 291 -28.14 -6.81 -13.37
CA SER B 291 -27.30 -6.68 -14.56
C SER B 291 -27.30 -5.25 -15.07
N PHE B 292 -28.48 -4.64 -15.21
CA PHE B 292 -28.57 -3.32 -15.81
C PHE B 292 -27.83 -2.27 -15.00
N LEU B 293 -27.97 -2.31 -13.67
CA LEU B 293 -27.41 -1.23 -12.84
C LEU B 293 -25.94 -1.49 -12.50
N THR B 294 -25.66 -2.61 -11.82
CA THR B 294 -24.29 -2.88 -11.42
C THR B 294 -23.45 -3.36 -12.59
N GLY B 295 -24.02 -4.22 -13.44
CA GLY B 295 -23.27 -4.90 -14.47
C GLY B 295 -22.91 -6.33 -14.14
N ILE B 296 -23.41 -6.86 -13.04
CA ILE B 296 -23.17 -8.25 -12.66
C ILE B 296 -24.18 -9.12 -13.40
N THR B 297 -23.64 -10.02 -14.22
CA THR B 297 -24.43 -10.87 -15.06
C THR B 297 -24.61 -12.32 -14.66
N GLU B 298 -24.06 -12.76 -13.54
CA GLU B 298 -24.18 -14.15 -13.25
C GLU B 298 -25.55 -14.61 -12.81
N PRO B 299 -26.35 -13.84 -12.03
CA PRO B 299 -27.71 -14.34 -11.77
C PRO B 299 -28.51 -14.64 -13.03
N ILE B 300 -28.38 -13.81 -14.07
CA ILE B 300 -29.12 -14.06 -15.30
C ILE B 300 -28.54 -15.26 -16.03
N GLU B 301 -27.22 -15.27 -16.27
CA GLU B 301 -26.55 -16.34 -17.03
C GLU B 301 -26.58 -17.68 -16.41
N PHE B 302 -26.59 -17.78 -15.10
CA PHE B 302 -26.68 -19.08 -14.44
C PHE B 302 -28.11 -19.62 -14.48
N SER B 303 -29.09 -18.79 -14.81
CA SER B 303 -30.47 -19.26 -14.83
C SER B 303 -30.69 -20.31 -15.91
N PHE B 304 -30.09 -20.11 -17.09
CA PHE B 304 -30.30 -20.98 -18.23
C PHE B 304 -29.04 -21.70 -18.70
N MET B 305 -27.85 -21.29 -18.24
CA MET B 305 -26.62 -21.81 -18.81
C MET B 305 -26.51 -23.32 -18.61
N PHE B 306 -26.83 -23.84 -17.49
CA PHE B 306 -26.65 -25.25 -17.33
C PHE B 306 -27.87 -26.03 -17.84
N VAL B 307 -29.02 -25.39 -18.05
CA VAL B 307 -30.19 -26.06 -18.63
C VAL B 307 -30.42 -25.68 -20.08
N ALA B 308 -29.55 -24.87 -20.66
CA ALA B 308 -29.67 -24.48 -22.06
C ALA B 308 -28.34 -23.95 -22.57
N PRO B 309 -27.33 -24.81 -22.72
CA PRO B 309 -26.01 -24.32 -23.14
C PRO B 309 -26.03 -23.60 -24.48
N ILE B 310 -26.88 -24.01 -25.41
CA ILE B 310 -26.89 -23.42 -26.75
C ILE B 310 -27.19 -21.92 -26.67
N LEU B 311 -28.12 -21.54 -25.80
CA LEU B 311 -28.40 -20.12 -25.60
C LEU B 311 -27.15 -19.39 -25.10
N TYR B 312 -26.37 -20.04 -24.23
CA TYR B 312 -25.16 -19.40 -23.73
C TYR B 312 -24.12 -19.27 -24.83
N ILE B 313 -24.03 -20.24 -25.74
CA ILE B 313 -23.11 -20.09 -26.86
C ILE B 313 -23.52 -18.92 -27.73
N ILE B 314 -24.82 -18.79 -28.01
CA ILE B 314 -25.28 -17.67 -28.82
C ILE B 314 -24.99 -16.35 -28.11
N HIS B 315 -25.21 -16.31 -26.80
CA HIS B 315 -24.93 -15.11 -26.02
C HIS B 315 -23.44 -14.77 -26.06
N ALA B 316 -22.58 -15.79 -25.97
CA ALA B 316 -21.15 -15.55 -26.04
C ALA B 316 -20.76 -14.98 -27.40
N ILE B 317 -21.34 -15.51 -28.48
CA ILE B 317 -21.04 -14.98 -29.80
C ILE B 317 -21.48 -13.53 -29.90
N LEU B 318 -22.69 -13.22 -29.43
CA LEU B 318 -23.19 -11.85 -29.49
C LEU B 318 -22.34 -10.90 -28.66
N ALA B 319 -21.95 -11.32 -27.45
CA ALA B 319 -21.11 -10.49 -26.62
C ALA B 319 -19.76 -10.25 -27.27
N GLY B 320 -19.18 -11.29 -27.87
CA GLY B 320 -17.92 -11.11 -28.58
C GLY B 320 -18.06 -10.16 -29.75
N LEU B 321 -19.19 -10.20 -30.43
CA LEU B 321 -19.43 -9.28 -31.53
C LEU B 321 -19.72 -7.86 -31.05
N ALA B 322 -20.11 -7.69 -29.79
CA ALA B 322 -20.40 -6.36 -29.27
C ALA B 322 -19.17 -5.45 -29.32
N PHE B 323 -18.03 -5.94 -28.85
CA PHE B 323 -16.84 -5.10 -28.78
C PHE B 323 -16.38 -4.62 -30.15
N PRO B 324 -16.25 -5.49 -31.16
CA PRO B 324 -15.95 -4.98 -32.52
C PRO B 324 -16.95 -3.94 -32.99
N ILE B 325 -18.24 -4.12 -32.68
CA ILE B 325 -19.26 -3.18 -33.14
C ILE B 325 -19.01 -1.80 -32.54
N CYS B 326 -18.70 -1.72 -31.27
CA CYS B 326 -18.45 -0.44 -30.68
C CYS B 326 -17.23 0.13 -31.30
N ILE B 327 -16.16 -0.64 -31.33
CA ILE B 327 -14.91 -0.09 -31.86
C ILE B 327 -15.14 0.48 -33.25
N LEU B 328 -15.98 -0.19 -34.04
CA LEU B 328 -16.19 0.22 -35.43
C LEU B 328 -17.10 1.43 -35.54
N LEU B 329 -18.09 1.55 -34.68
CA LEU B 329 -19.01 2.69 -34.72
C LEU B 329 -18.54 3.85 -33.86
N GLY B 330 -17.41 3.73 -33.17
CA GLY B 330 -16.86 4.84 -32.41
C GLY B 330 -17.52 5.10 -31.09
N MET B 331 -18.34 4.18 -30.59
CA MET B 331 -19.07 4.39 -29.34
C MET B 331 -18.13 4.08 -28.18
N ARG B 332 -17.63 5.12 -27.53
CA ARG B 332 -16.64 5.01 -26.47
C ARG B 332 -17.28 5.34 -25.13
N ASP B 333 -17.01 4.51 -24.13
CA ASP B 333 -17.43 4.76 -22.76
C ASP B 333 -16.75 3.75 -21.86
N GLY B 334 -16.35 4.19 -20.66
CA GLY B 334 -15.53 3.38 -19.79
C GLY B 334 -16.33 2.60 -18.76
N THR B 335 -15.61 1.80 -17.99
CA THR B 335 -16.18 0.97 -16.95
C THR B 335 -15.22 0.93 -15.77
N SER B 336 -15.78 0.71 -14.58
CA SER B 336 -14.97 0.60 -13.36
C SER B 336 -14.63 -0.85 -13.06
N PHE B 337 -15.64 -1.68 -12.88
CA PHE B 337 -15.48 -3.11 -12.66
C PHE B 337 -16.29 -3.94 -13.64
N SER B 338 -17.48 -3.47 -14.01
CA SER B 338 -18.29 -4.12 -15.02
C SER B 338 -19.02 -3.02 -15.79
N HIS B 339 -19.95 -3.42 -16.65
CA HIS B 339 -20.69 -2.48 -17.50
C HIS B 339 -22.14 -2.44 -17.05
N GLY B 340 -22.47 -1.42 -16.25
CA GLY B 340 -23.84 -1.21 -15.80
C GLY B 340 -24.28 0.21 -16.07
N LEU B 341 -25.36 0.64 -15.41
CA LEU B 341 -25.88 1.99 -15.64
C LEU B 341 -25.01 3.04 -14.95
N ILE B 342 -24.56 2.75 -13.72
CA ILE B 342 -23.80 3.74 -12.96
C ILE B 342 -22.48 4.04 -13.67
N ASP B 343 -21.80 3.00 -14.13
CA ASP B 343 -20.56 3.21 -14.88
C ASP B 343 -20.81 3.98 -16.16
N PHE B 344 -21.93 3.70 -16.83
CA PHE B 344 -22.26 4.43 -18.04
C PHE B 344 -22.43 5.91 -17.76
N ILE B 345 -23.12 6.26 -16.68
CA ILE B 345 -23.41 7.66 -16.41
C ILE B 345 -22.17 8.39 -15.91
N VAL B 346 -21.46 7.81 -14.94
CA VAL B 346 -20.40 8.56 -14.26
C VAL B 346 -19.15 8.67 -15.12
N LEU B 347 -18.82 7.63 -15.89
CA LEU B 347 -17.62 7.64 -16.73
C LEU B 347 -17.89 8.17 -18.13
N SER B 348 -18.88 9.05 -18.29
CA SER B 348 -19.26 9.57 -19.59
C SER B 348 -18.55 10.87 -19.94
N GLY B 349 -17.61 11.32 -19.10
CA GLY B 349 -16.93 12.57 -19.38
C GLY B 349 -16.10 12.51 -20.65
N ASN B 350 -15.33 11.44 -20.79
CA ASN B 350 -14.48 11.24 -21.96
C ASN B 350 -15.17 10.42 -23.04
N SER B 351 -16.46 10.14 -22.91
CA SER B 351 -17.17 9.30 -23.86
C SER B 351 -17.27 9.97 -25.22
N SER B 352 -17.41 9.15 -26.25
CA SER B 352 -17.66 9.61 -27.61
C SER B 352 -18.85 8.85 -28.18
N LYS B 353 -19.72 9.58 -28.88
CA LYS B 353 -20.91 9.00 -29.49
C LYS B 353 -21.74 8.22 -28.48
N LEU B 354 -21.98 8.85 -27.33
CA LEU B 354 -22.79 8.22 -26.29
C LEU B 354 -24.22 8.00 -26.72
N TRP B 355 -24.68 8.73 -27.74
CA TRP B 355 -26.07 8.60 -28.19
C TRP B 355 -26.32 7.28 -28.90
N LEU B 356 -25.32 6.75 -29.60
CA LEU B 356 -25.50 5.49 -30.33
C LEU B 356 -25.70 4.32 -29.39
N PHE B 357 -25.29 4.44 -28.13
CA PHE B 357 -25.40 3.31 -27.20
C PHE B 357 -26.85 2.89 -27.00
N PRO B 358 -27.79 3.79 -26.70
CA PRO B 358 -29.19 3.34 -26.57
C PRO B 358 -29.75 2.68 -27.82
N ILE B 359 -29.38 3.14 -29.01
CA ILE B 359 -29.94 2.57 -30.24
C ILE B 359 -29.39 1.18 -30.48
N VAL B 360 -28.06 1.03 -30.41
CA VAL B 360 -27.50 -0.30 -30.55
C VAL B 360 -27.98 -1.20 -29.42
N GLY B 361 -28.28 -0.61 -28.26
CA GLY B 361 -28.74 -1.40 -27.14
C GLY B 361 -30.14 -1.93 -27.31
N ILE B 362 -31.05 -1.11 -27.84
CA ILE B 362 -32.39 -1.62 -28.09
C ILE B 362 -32.33 -2.65 -29.22
N GLY B 363 -31.44 -2.45 -30.20
CA GLY B 363 -31.23 -3.50 -31.18
C GLY B 363 -30.81 -4.81 -30.55
N TYR B 364 -29.83 -4.74 -29.63
CA TYR B 364 -29.37 -5.94 -28.94
C TYR B 364 -30.47 -6.56 -28.10
N ALA B 365 -31.28 -5.72 -27.45
CA ALA B 365 -32.38 -6.24 -26.64
C ALA B 365 -33.39 -6.98 -27.50
N ILE B 366 -33.76 -6.42 -28.65
CA ILE B 366 -34.66 -7.12 -29.55
C ILE B 366 -34.03 -8.43 -30.00
N VAL B 367 -32.75 -8.42 -30.35
CA VAL B 367 -32.11 -9.64 -30.85
C VAL B 367 -32.12 -10.71 -29.78
N TYR B 368 -31.67 -10.37 -28.56
CA TYR B 368 -31.63 -11.34 -27.47
C TYR B 368 -33.02 -11.85 -27.14
N TYR B 369 -34.00 -10.94 -27.02
CA TYR B 369 -35.34 -11.36 -26.65
C TYR B 369 -35.92 -12.31 -27.68
N THR B 370 -35.83 -11.95 -28.97
CA THR B 370 -36.38 -12.79 -30.00
C THR B 370 -35.67 -14.15 -30.04
N ILE B 371 -34.34 -14.14 -29.99
CA ILE B 371 -33.59 -15.39 -30.05
C ILE B 371 -33.99 -16.29 -28.90
N PHE B 372 -33.96 -15.77 -27.68
CA PHE B 372 -34.26 -16.59 -26.52
C PHE B 372 -35.69 -17.11 -26.56
N ARG B 373 -36.65 -16.25 -26.90
CA ARG B 373 -38.03 -16.68 -26.96
C ARG B 373 -38.22 -17.80 -27.98
N VAL B 374 -37.76 -17.58 -29.22
CA VAL B 374 -38.01 -18.56 -30.27
C VAL B 374 -37.28 -19.87 -29.96
N LEU B 375 -36.02 -19.78 -29.51
CA LEU B 375 -35.26 -20.99 -29.26
C LEU B 375 -35.84 -21.78 -28.09
N ILE B 376 -36.23 -21.11 -27.01
CA ILE B 376 -36.78 -21.84 -25.87
C ILE B 376 -38.13 -22.42 -26.25
N LYS B 377 -38.88 -21.75 -27.12
CA LYS B 377 -40.18 -22.29 -27.53
C LYS B 377 -40.01 -23.52 -28.41
N ALA B 378 -39.07 -23.47 -29.36
CA ALA B 378 -38.91 -24.58 -30.30
C ALA B 378 -38.15 -25.74 -29.67
N LEU B 379 -36.91 -25.48 -29.24
CA LEU B 379 -36.09 -26.54 -28.65
C LEU B 379 -36.71 -27.11 -27.38
N ASP B 380 -37.63 -26.39 -26.75
CA ASP B 380 -38.31 -26.86 -25.55
C ASP B 380 -37.37 -26.88 -24.35
N LEU B 381 -36.47 -25.91 -24.27
CA LEU B 381 -35.53 -25.84 -23.17
C LEU B 381 -36.26 -25.57 -21.86
N LYS B 382 -35.79 -26.21 -20.78
CA LYS B 382 -36.43 -26.10 -19.48
C LYS B 382 -35.79 -25.00 -18.63
N THR B 383 -35.81 -23.79 -19.17
CA THR B 383 -35.31 -22.64 -18.45
C THR B 383 -36.21 -22.35 -17.25
N PRO B 384 -35.71 -21.61 -16.25
CA PRO B 384 -36.48 -21.36 -15.03
C PRO B 384 -37.96 -21.11 -15.29
N GLY B 385 -38.82 -21.94 -14.68
CA GLY B 385 -40.26 -21.80 -14.84
C GLY B 385 -40.88 -23.00 -15.54
N ARG B 386 -40.15 -23.57 -16.49
CA ARG B 386 -40.65 -24.71 -17.26
C ARG B 386 -39.89 -25.97 -16.90
#